data_5W7E
#
_entry.id   5W7E
#
_cell.length_a   81.425
_cell.length_b   85.373
_cell.length_c   93.398
_cell.angle_alpha   90.00
_cell.angle_beta   103.64
_cell.angle_gamma   90.00
#
_symmetry.space_group_name_H-M   'P 1 21 1'
#
loop_
_entity.id
_entity.type
_entity.pdbx_description
1 polymer 'Acyloxyacyl hydrolase'
2 non-polymer 'CALCIUM ION'
3 non-polymer 2-acetamido-2-deoxy-beta-D-glucopyranose
4 non-polymer '(2S)-3-hydroxypropane-1,2-diyl ditetradecanoate'
5 water water
#
_entity_poly.entity_id   1
_entity_poly.type   'polypeptide(L)'
_entity_poly.pdbx_seq_one_letter_code
;DRHHHHHHKLSVPSEDQPGDSYSHGQSCLGCVVLVSVIEQLAEVHNSSVQVAMERLCSYLPEKLFLKTACYFLVQTFGSD
IIKLLDEAMKADVVCYALEFCKRGAVQPQCHLYPLPQEAWESALEKARQVLRRSSTMKYRRSGRNICSLPFLTKICQKIE
LSIKKAVPFKDVDSDKHSVFPTLRGYHWRGRDCNDSDKTVYPGRRPDNWDIHQDSNCNGIWGIDPKDGIPYEKKFCEGSQ
PRGIILLGDAAGAHFHIPPEWLTASQMSVNSFLNLPSALTDELNWPQLSGVTGFLDSTSGIEEKSIYHRLRKRNHCNHRD
YQSISKNGASSRNLKNFIESLSRNQASDHPAIVLYAMIGNDVCNSKADTVPEMTTPEQMYANVMQTLTHLNSHLPNGSHV
ILYGLPDGTFLWDSLHNRYHPLGQLNKDVTYAQFFSFLRCLQLNPCNGWMSSNKTLRTLTSERAEQLSNTLKKIATTETF
ANFDLFYVDFAFHEIIEDWQKRGGQPWQLIEPVDGFHPNEVASLLQANRVWEKIQLQWPHVLGKENPFNSQIEEVFGDQG
GH
;
_entity_poly.pdbx_strand_id   A,B
#
loop_
_chem_comp.id
_chem_comp.type
_chem_comp.name
_chem_comp.formula
CA non-polymer 'CALCIUM ION' 'Ca 2'
FAW non-polymer '(2S)-3-hydroxypropane-1,2-diyl ditetradecanoate' 'C31 H60 O5'
NAG D-saccharide, beta linking 2-acetamido-2-deoxy-beta-D-glucopyranose 'C8 H15 N O6'
#
# COMPACT_ATOMS: atom_id res chain seq x y z
N SER A 23 9.31 23.64 10.95
CA SER A 23 8.54 22.54 10.37
C SER A 23 7.69 23.07 9.21
N HIS A 24 7.30 24.35 9.29
CA HIS A 24 6.63 24.98 8.16
C HIS A 24 7.48 24.90 6.90
N GLY A 25 8.79 25.00 7.04
CA GLY A 25 9.70 24.97 5.91
C GLY A 25 9.48 23.74 5.04
N GLN A 26 9.61 22.56 5.63
CA GLN A 26 9.48 21.32 4.87
C GLN A 26 8.07 21.17 4.30
N SER A 27 7.05 21.47 5.11
CA SER A 27 5.68 21.41 4.64
C SER A 27 5.48 22.32 3.43
N CYS A 28 6.01 23.54 3.49
CA CYS A 28 5.93 24.49 2.38
C CYS A 28 6.63 23.94 1.14
N LEU A 29 7.89 23.53 1.32
CA LEU A 29 8.67 23.01 0.21
C LEU A 29 8.00 21.81 -0.40
N GLY A 30 7.48 20.92 0.45
CA GLY A 30 6.81 19.73 -0.05
C GLY A 30 5.55 20.06 -0.83
N CYS A 31 4.75 20.98 -0.30
CA CYS A 31 3.59 21.43 -1.05
C CYS A 31 4.00 22.06 -2.38
N VAL A 32 5.01 22.94 -2.37
CA VAL A 32 5.38 23.65 -3.59
C VAL A 32 5.91 22.68 -4.64
N VAL A 33 6.66 21.66 -4.22
CA VAL A 33 7.13 20.66 -5.18
C VAL A 33 5.97 19.88 -5.76
N LEU A 34 5.07 19.38 -4.90
CA LEU A 34 3.97 18.56 -5.37
CA LEU A 34 3.97 18.55 -5.38
C LEU A 34 3.06 19.34 -6.31
N VAL A 35 2.66 20.56 -5.91
CA VAL A 35 1.77 21.34 -6.74
C VAL A 35 2.47 21.70 -8.06
N SER A 36 3.79 21.90 -8.04
CA SER A 36 4.53 22.18 -9.27
C SER A 36 4.50 21.00 -10.24
N VAL A 37 4.66 19.78 -9.71
CA VAL A 37 4.58 18.60 -10.57
C VAL A 37 3.19 18.43 -11.15
N ILE A 38 2.15 18.63 -10.33
CA ILE A 38 0.79 18.54 -10.85
C ILE A 38 0.58 19.53 -11.99
N GLU A 39 0.99 20.78 -11.79
CA GLU A 39 0.81 21.80 -12.81
C GLU A 39 1.56 21.46 -14.10
N GLN A 40 2.80 21.01 -13.98
CA GLN A 40 3.59 20.67 -15.15
C GLN A 40 3.07 19.40 -15.83
N LEU A 41 2.58 18.41 -15.07
CA LEU A 41 1.93 17.27 -15.69
C LEU A 41 0.71 17.68 -16.50
N ALA A 42 -0.07 18.64 -16.00
CA ALA A 42 -1.21 19.14 -16.78
C ALA A 42 -0.72 19.79 -18.06
N GLU A 43 0.30 20.64 -17.96
CA GLU A 43 0.89 21.30 -19.12
C GLU A 43 1.45 20.29 -20.12
N VAL A 44 2.27 19.35 -19.64
CA VAL A 44 2.92 18.39 -20.53
C VAL A 44 1.90 17.56 -21.30
N HIS A 45 0.83 17.11 -20.64
CA HIS A 45 -0.15 16.24 -21.28
C HIS A 45 -1.34 16.99 -21.85
N ASN A 46 -1.35 18.32 -21.73
CA ASN A 46 -2.47 19.14 -22.16
C ASN A 46 -3.78 18.63 -21.55
N SER A 47 -3.76 18.41 -20.23
CA SER A 47 -4.90 17.86 -19.53
C SER A 47 -5.43 18.84 -18.49
N SER A 48 -6.59 18.49 -17.96
CA SER A 48 -7.12 19.15 -16.78
C SER A 48 -6.24 18.86 -15.58
N VAL A 49 -6.41 19.67 -14.54
CA VAL A 49 -5.70 19.45 -13.29
C VAL A 49 -6.17 18.17 -12.62
N GLN A 50 -7.48 17.86 -12.75
CA GLN A 50 -8.01 16.62 -12.19
C GLN A 50 -7.31 15.40 -12.77
N VAL A 51 -7.13 15.40 -14.10
CA VAL A 51 -6.45 14.30 -14.78
C VAL A 51 -4.98 14.24 -14.38
N ALA A 52 -4.33 15.40 -14.26
CA ALA A 52 -2.93 15.42 -13.86
C ALA A 52 -2.72 14.82 -12.46
N MET A 53 -3.62 15.10 -11.52
CA MET A 53 -3.49 14.54 -10.18
C MET A 53 -3.72 13.04 -10.18
N GLU A 54 -4.73 12.57 -10.94
CA GLU A 54 -4.95 11.13 -11.08
C GLU A 54 -3.73 10.45 -11.69
N ARG A 55 -3.11 11.11 -12.67
CA ARG A 55 -1.94 10.57 -13.34
C ARG A 55 -0.77 10.44 -12.37
N LEU A 56 -0.51 11.47 -11.57
CA LEU A 56 0.58 11.38 -10.60
C LEU A 56 0.35 10.22 -9.64
N CYS A 57 -0.87 10.10 -9.10
CA CYS A 57 -1.14 9.00 -8.18
C CYS A 57 -0.93 7.66 -8.85
N SER A 58 -1.33 7.53 -10.13
CA SER A 58 -1.15 6.28 -10.86
C SER A 58 0.33 5.92 -11.01
N TYR A 59 1.22 6.89 -10.94
CA TYR A 59 2.64 6.60 -11.06
C TYR A 59 3.26 6.11 -9.77
N LEU A 60 2.63 6.34 -8.66
CA LEU A 60 3.29 6.09 -7.38
C LEU A 60 3.07 4.65 -6.92
N PRO A 61 4.09 4.02 -6.34
CA PRO A 61 3.93 2.62 -5.91
C PRO A 61 2.99 2.50 -4.71
N GLU A 62 2.43 1.30 -4.56
CA GLU A 62 1.60 1.02 -3.40
C GLU A 62 2.44 0.89 -2.14
N LYS A 63 3.68 0.42 -2.28
CA LYS A 63 4.57 0.23 -1.15
C LYS A 63 4.70 1.51 -0.33
N LEU A 64 4.70 1.37 0.98
CA LEU A 64 4.82 2.47 1.94
C LEU A 64 3.62 3.41 1.91
N PHE A 65 2.48 2.94 1.39
CA PHE A 65 1.23 3.68 1.35
C PHE A 65 1.34 4.96 0.54
N LEU A 66 2.33 5.02 -0.36
CA LEU A 66 2.52 6.23 -1.15
C LEU A 66 1.33 6.50 -2.07
N LYS A 67 0.89 5.50 -2.81
CA LYS A 67 -0.27 5.71 -3.69
C LYS A 67 -1.50 6.10 -2.88
N THR A 68 -1.76 5.38 -1.79
CA THR A 68 -2.91 5.73 -0.95
C THR A 68 -2.79 7.13 -0.38
N ALA A 69 -1.59 7.52 0.06
CA ALA A 69 -1.42 8.88 0.54
C ALA A 69 -1.71 9.87 -0.56
N CYS A 70 -1.27 9.58 -1.78
CA CYS A 70 -1.53 10.47 -2.91
C CYS A 70 -3.04 10.62 -3.11
N TYR A 71 -3.75 9.50 -3.14
CA TYR A 71 -5.19 9.58 -3.32
C TYR A 71 -5.87 10.28 -2.14
N PHE A 72 -5.35 10.11 -0.92
CA PHE A 72 -5.92 10.86 0.19
C PHE A 72 -5.76 12.36 0.00
N LEU A 73 -4.57 12.78 -0.47
CA LEU A 73 -4.32 14.21 -0.64
C LEU A 73 -5.20 14.78 -1.72
N VAL A 74 -5.37 14.04 -2.82
CA VAL A 74 -6.24 14.50 -3.88
C VAL A 74 -7.66 14.62 -3.36
N GLN A 75 -8.10 13.63 -2.59
CA GLN A 75 -9.43 13.69 -1.99
C GLN A 75 -9.57 14.92 -1.11
N THR A 76 -8.54 15.22 -0.31
CA THR A 76 -8.62 16.29 0.69
C THR A 76 -8.49 17.66 0.05
N PHE A 77 -7.51 17.83 -0.83
CA PHE A 77 -7.14 19.14 -1.37
C PHE A 77 -7.36 19.28 -2.86
N GLY A 78 -7.76 18.21 -3.54
CA GLY A 78 -7.87 18.25 -4.98
C GLY A 78 -8.71 19.41 -5.51
N SER A 79 -9.92 19.58 -4.98
CA SER A 79 -10.82 20.55 -5.60
C SER A 79 -10.31 21.99 -5.42
N ASP A 80 -9.62 22.27 -4.31
CA ASP A 80 -9.03 23.60 -4.15
C ASP A 80 -7.85 23.79 -5.08
N ILE A 81 -7.03 22.75 -5.27
CA ILE A 81 -5.92 22.88 -6.20
C ILE A 81 -6.45 23.14 -7.61
N ILE A 82 -7.50 22.43 -8.00
CA ILE A 82 -8.09 22.65 -9.32
C ILE A 82 -8.51 24.12 -9.46
N LYS A 83 -9.19 24.63 -8.43
CA LYS A 83 -9.71 26.00 -8.49
C LYS A 83 -8.58 27.01 -8.66
N LEU A 84 -7.50 26.88 -7.89
CA LEU A 84 -6.46 27.89 -7.92
C LEU A 84 -5.57 27.74 -9.15
N LEU A 85 -5.20 26.52 -9.53
CA LEU A 85 -4.41 26.36 -10.74
C LEU A 85 -5.19 26.82 -11.96
N ASP A 86 -6.52 26.73 -11.93
CA ASP A 86 -7.33 27.23 -13.03
C ASP A 86 -7.28 28.75 -13.09
N GLU A 87 -7.01 29.40 -11.97
CA GLU A 87 -6.78 30.84 -11.95
C GLU A 87 -5.34 31.20 -12.30
N ALA A 88 -4.56 30.25 -12.77
CA ALA A 88 -3.21 30.49 -13.27
C ALA A 88 -2.22 30.89 -12.18
N MET A 89 -2.53 30.57 -10.93
CA MET A 89 -1.59 30.78 -9.85
C MET A 89 -0.55 29.66 -9.82
N LYS A 90 0.67 30.01 -9.49
CA LYS A 90 1.76 29.04 -9.44
C LYS A 90 1.84 28.39 -8.07
N ALA A 91 2.67 27.35 -7.99
CA ALA A 91 2.66 26.46 -6.82
C ALA A 91 2.97 27.21 -5.54
N ASP A 92 3.86 28.21 -5.60
CA ASP A 92 4.20 28.91 -4.36
C ASP A 92 2.99 29.66 -3.82
N VAL A 93 2.28 30.38 -4.68
CA VAL A 93 1.04 31.07 -4.26
C VAL A 93 0.00 30.06 -3.76
N VAL A 94 -0.16 28.95 -4.47
CA VAL A 94 -1.17 27.97 -4.07
C VAL A 94 -0.91 27.50 -2.65
N CYS A 95 0.35 27.21 -2.34
CA CYS A 95 0.68 26.62 -1.06
C CYS A 95 0.56 27.61 0.08
N TYR A 96 0.79 28.90 -0.18
CA TYR A 96 0.43 29.91 0.82
C TYR A 96 -1.09 29.94 1.01
N ALA A 97 -1.85 29.92 -0.09
CA ALA A 97 -3.30 29.97 -0.01
C ALA A 97 -3.87 28.78 0.76
N LEU A 98 -3.36 27.57 0.50
CA LEU A 98 -3.75 26.39 1.25
C LEU A 98 -3.11 26.34 2.64
N GLU A 99 -2.21 27.27 2.94
CA GLU A 99 -1.60 27.43 4.26
C GLU A 99 -0.61 26.32 4.61
N PHE A 100 -0.09 25.59 3.60
CA PHE A 100 1.10 24.80 3.84
C PHE A 100 2.31 25.68 4.05
N CYS A 101 2.27 26.89 3.51
CA CYS A 101 3.28 27.92 3.70
C CYS A 101 2.66 29.05 4.54
N LYS A 102 3.45 29.61 5.46
CA LYS A 102 2.99 30.65 6.38
C LYS A 102 3.89 31.87 6.23
N ARG A 103 3.28 33.01 5.91
CA ARG A 103 4.03 34.24 5.68
C ARG A 103 4.70 34.73 6.96
N GLN A 109 7.30 36.48 2.52
CA GLN A 109 6.68 35.59 1.54
C GLN A 109 7.73 35.07 0.57
N CYS A 110 7.91 33.75 0.53
CA CYS A 110 8.99 33.15 -0.21
C CYS A 110 8.54 32.83 -1.64
N HIS A 111 9.23 33.40 -2.62
CA HIS A 111 8.93 33.21 -4.03
C HIS A 111 9.86 32.14 -4.60
N LEU A 112 9.28 31.12 -5.24
CA LEU A 112 10.08 30.25 -6.11
C LEU A 112 10.05 30.70 -7.56
N TYR A 113 8.91 31.05 -8.04
CA TYR A 113 8.76 31.49 -9.43
C TYR A 113 8.86 33.00 -9.49
N PRO A 114 9.37 33.56 -10.59
CA PRO A 114 9.51 35.02 -10.67
C PRO A 114 8.14 35.66 -10.83
N LEU A 115 7.76 36.47 -9.85
CA LEU A 115 6.48 37.16 -9.85
C LEU A 115 6.58 38.37 -8.91
N PRO A 116 6.37 39.59 -9.39
CA PRO A 116 6.55 40.77 -8.51
C PRO A 116 5.58 40.79 -7.33
N GLN A 117 6.02 41.42 -6.25
CA GLN A 117 5.25 41.49 -5.01
C GLN A 117 3.80 41.87 -5.28
N GLU A 118 3.58 42.88 -6.13
CA GLU A 118 2.22 43.32 -6.40
C GLU A 118 1.35 42.17 -6.92
N ALA A 119 1.91 41.34 -7.79
CA ALA A 119 1.17 40.21 -8.35
C ALA A 119 0.86 39.17 -7.29
N TRP A 120 1.71 39.04 -6.26
CA TRP A 120 1.45 38.11 -5.15
C TRP A 120 0.26 38.55 -4.32
N GLU A 121 0.22 39.84 -3.94
CA GLU A 121 -0.88 40.35 -3.15
C GLU A 121 -2.21 40.21 -3.88
N SER A 122 -2.21 40.49 -5.19
CA SER A 122 -3.37 40.21 -6.02
C SER A 122 -3.82 38.76 -5.84
N ALA A 123 -2.95 37.82 -6.18
CA ALA A 123 -3.35 36.42 -6.27
C ALA A 123 -3.86 35.89 -4.93
N LEU A 124 -3.25 36.32 -3.82
CA LEU A 124 -3.61 35.77 -2.51
C LEU A 124 -5.00 36.21 -2.10
N GLU A 125 -5.31 37.49 -2.26
CA GLU A 125 -6.68 37.93 -1.96
C GLU A 125 -7.67 37.19 -2.84
N LYS A 126 -7.30 36.93 -4.10
CA LYS A 126 -8.20 36.20 -4.96
C LYS A 126 -8.32 34.74 -4.53
N ALA A 127 -7.22 34.11 -4.12
CA ALA A 127 -7.30 32.76 -3.62
C ALA A 127 -8.33 32.65 -2.50
N ARG A 128 -8.19 33.48 -1.46
CA ARG A 128 -9.17 33.49 -0.37
C ARG A 128 -10.58 33.67 -0.93
N GLN A 129 -10.74 34.63 -1.84
CA GLN A 129 -12.01 34.82 -2.52
C GLN A 129 -12.50 33.50 -3.13
N VAL A 130 -11.64 32.86 -3.93
CA VAL A 130 -12.01 31.61 -4.61
C VAL A 130 -12.38 30.54 -3.59
N LEU A 131 -11.62 30.42 -2.52
CA LEU A 131 -11.91 29.44 -1.49
C LEU A 131 -12.90 30.05 -0.49
N ILE A 146 -0.20 11.12 11.59
CA ILE A 146 -0.45 9.78 11.03
C ILE A 146 0.10 8.69 11.94
N CYS A 147 1.27 8.93 12.52
CA CYS A 147 1.78 8.08 13.60
C CYS A 147 0.97 8.24 14.89
N SER A 148 -0.13 8.97 14.79
CA SER A 148 -1.09 9.07 15.88
C SER A 148 -2.08 7.91 15.87
N LEU A 149 -2.27 7.26 14.72
CA LEU A 149 -3.01 6.02 14.66
C LEU A 149 -2.54 5.10 15.78
N PRO A 150 -3.42 4.68 16.71
CA PRO A 150 -2.92 4.06 17.95
C PRO A 150 -2.07 2.81 17.70
N PHE A 151 -2.28 2.12 16.60
CA PHE A 151 -1.54 0.91 16.28
C PHE A 151 -0.22 1.19 15.58
N LEU A 152 0.06 2.45 15.24
CA LEU A 152 1.33 2.84 14.63
C LEU A 152 2.28 3.54 15.57
N THR A 153 1.77 4.18 16.62
CA THR A 153 2.61 5.06 17.44
C THR A 153 3.88 4.34 17.90
N LYS A 154 3.73 3.15 18.47
CA LYS A 154 4.87 2.45 19.05
C LYS A 154 5.88 2.06 17.97
N ILE A 155 5.42 1.52 16.85
CA ILE A 155 6.35 1.20 15.78
C ILE A 155 6.98 2.46 15.21
N CYS A 156 6.24 3.57 15.12
CA CYS A 156 6.85 4.81 14.69
C CYS A 156 8.00 5.22 15.60
N GLN A 157 7.80 5.12 16.91
CA GLN A 157 8.87 5.46 17.84
C GLN A 157 10.04 4.50 17.71
N LYS A 158 9.76 3.22 17.50
CA LYS A 158 10.83 2.25 17.33
C LYS A 158 11.66 2.56 16.09
N ILE A 159 11.00 3.04 15.03
CA ILE A 159 11.71 3.36 13.80
C ILE A 159 12.45 4.68 13.93
N GLU A 160 11.80 5.69 14.50
CA GLU A 160 12.47 6.97 14.69
C GLU A 160 13.73 6.79 15.54
N LEU A 161 13.66 5.91 16.54
CA LEU A 161 14.79 5.69 17.43
C LEU A 161 15.96 5.06 16.69
N SER A 162 15.70 3.97 15.95
CA SER A 162 16.81 3.30 15.29
C SER A 162 17.43 4.20 14.23
N ILE A 163 16.64 5.04 13.58
CA ILE A 163 17.18 6.02 12.64
C ILE A 163 18.03 7.04 13.38
N LYS A 164 17.52 7.57 14.49
CA LYS A 164 18.29 8.54 15.27
C LYS A 164 19.61 7.94 15.76
N LYS A 165 19.58 6.69 16.21
CA LYS A 165 20.80 6.03 16.65
C LYS A 165 21.63 5.51 15.49
N ALA A 166 21.09 5.51 14.26
CA ALA A 166 21.80 5.07 13.06
C ALA A 166 22.19 3.59 13.16
N VAL A 167 21.24 2.77 13.62
CA VAL A 167 21.42 1.32 13.73
C VAL A 167 20.22 0.65 13.05
N PRO A 168 20.39 -0.56 12.53
CA PRO A 168 19.32 -1.18 11.75
C PRO A 168 18.08 -1.46 12.58
N PHE A 169 16.92 -1.15 11.99
CA PHE A 169 15.64 -1.43 12.63
C PHE A 169 15.40 -2.93 12.71
N LYS A 170 15.76 -3.67 11.68
CA LYS A 170 15.64 -5.13 11.67
C LYS A 170 17.02 -5.71 12.03
N ASP A 171 17.13 -6.27 13.24
CA ASP A 171 18.38 -6.76 13.78
C ASP A 171 18.09 -7.61 15.01
N VAL A 172 17.70 -8.88 14.77
CA VAL A 172 17.22 -9.75 15.84
C VAL A 172 18.30 -9.95 16.89
N ASP A 173 19.54 -10.20 16.46
CA ASP A 173 20.61 -10.49 17.41
C ASP A 173 21.38 -9.25 17.84
N SER A 174 20.96 -8.06 17.39
CA SER A 174 21.45 -6.77 17.89
C SER A 174 22.93 -6.53 17.59
N ASP A 175 23.52 -7.17 16.59
CA ASP A 175 24.94 -6.93 16.28
C ASP A 175 25.13 -5.79 15.28
N LYS A 176 24.08 -5.03 14.97
CA LYS A 176 24.09 -3.85 14.10
CA LYS A 176 24.06 -3.84 14.10
C LYS A 176 24.21 -4.19 12.62
N HIS A 177 24.13 -5.47 12.25
CA HIS A 177 24.10 -5.90 10.87
C HIS A 177 22.76 -6.56 10.59
N SER A 178 22.20 -6.28 9.43
CA SER A 178 20.82 -6.63 9.12
C SER A 178 20.73 -7.59 7.94
N VAL A 179 19.58 -8.26 7.85
CA VAL A 179 19.20 -9.01 6.65
C VAL A 179 18.28 -8.21 5.74
N PHE A 180 17.89 -7.05 6.15
CA PHE A 180 17.01 -6.16 5.44
C PHE A 180 17.82 -5.00 4.86
N PRO A 181 17.48 -4.48 3.65
CA PRO A 181 18.37 -3.49 3.00
C PRO A 181 18.36 -2.08 3.57
N THR A 182 17.18 -1.55 3.91
CA THR A 182 17.05 -0.15 4.30
C THR A 182 16.81 -0.06 5.82
N LEU A 183 16.32 1.11 6.26
CA LEU A 183 16.20 1.40 7.68
C LEU A 183 17.49 1.02 8.40
N ARG A 184 18.58 1.55 7.87
CA ARG A 184 19.94 1.38 8.40
C ARG A 184 20.44 -0.04 8.29
N GLY A 185 19.90 -0.82 7.32
CA GLY A 185 20.25 -2.21 7.09
C GLY A 185 21.44 -2.41 6.18
N TYR A 186 21.45 -3.43 5.32
CA TYR A 186 22.70 -3.80 4.67
C TYR A 186 23.08 -2.91 3.48
N HIS A 187 22.24 -1.95 3.08
CA HIS A 187 22.73 -0.86 2.24
C HIS A 187 23.85 -0.09 2.93
N TRP A 188 23.83 -0.09 4.27
CA TRP A 188 24.72 0.69 5.11
C TRP A 188 25.90 -0.09 5.65
N ARG A 189 25.75 -1.40 5.88
CA ARG A 189 26.82 -2.26 6.37
C ARG A 189 26.61 -3.66 5.81
N GLY A 190 27.68 -4.45 5.85
CA GLY A 190 27.63 -5.81 5.40
C GLY A 190 26.43 -6.58 5.94
N ARG A 191 25.79 -7.33 5.06
CA ARG A 191 24.62 -8.12 5.40
C ARG A 191 24.98 -9.22 6.41
N ASP A 192 24.16 -9.35 7.45
CA ASP A 192 24.33 -10.39 8.48
C ASP A 192 24.03 -11.76 7.90
N CYS A 193 25.03 -12.65 7.90
CA CYS A 193 24.83 -14.01 7.43
C CYS A 193 24.05 -14.87 8.44
N ASN A 194 24.04 -14.49 9.71
CA ASN A 194 23.24 -15.18 10.72
C ASN A 194 22.71 -14.15 11.71
N ASP A 195 21.46 -13.74 11.53
CA ASP A 195 20.84 -12.74 12.40
C ASP A 195 20.33 -13.34 13.71
N SER A 196 20.60 -14.63 13.94
CA SER A 196 20.33 -15.32 15.19
C SER A 196 21.61 -15.65 15.93
N ASP A 197 22.65 -14.86 15.72
CA ASP A 197 23.93 -15.12 16.41
C ASP A 197 24.72 -13.82 16.40
N LYS A 198 24.82 -13.19 17.57
CA LYS A 198 25.51 -11.92 17.73
C LYS A 198 27.03 -12.06 17.59
N THR A 199 27.56 -13.26 17.48
CA THR A 199 28.99 -13.42 17.24
C THR A 199 29.31 -13.72 15.78
N VAL A 200 28.31 -13.69 14.92
CA VAL A 200 28.46 -13.88 13.49
C VAL A 200 28.07 -12.57 12.82
N TYR A 201 29.03 -11.92 12.17
CA TYR A 201 28.81 -10.65 11.48
C TYR A 201 30.09 -10.28 10.73
N PRO A 202 29.99 -9.44 9.69
CA PRO A 202 31.19 -9.05 8.93
C PRO A 202 32.23 -8.34 9.78
N GLY A 203 33.51 -8.70 9.55
CA GLY A 203 34.63 -8.03 10.18
C GLY A 203 35.18 -8.75 11.39
N ARG A 204 34.45 -9.74 11.89
CA ARG A 204 34.88 -10.59 12.99
C ARG A 204 36.11 -11.41 12.59
N ARG A 205 37.05 -11.56 13.52
CA ARG A 205 38.07 -12.57 13.35
C ARG A 205 37.42 -13.95 13.39
N PRO A 206 37.78 -14.85 12.49
CA PRO A 206 37.01 -16.10 12.34
C PRO A 206 37.14 -17.00 13.55
N ASP A 207 36.00 -17.38 14.12
CA ASP A 207 35.98 -18.33 15.22
C ASP A 207 36.38 -19.71 14.71
N ASN A 208 37.50 -20.23 15.23
CA ASN A 208 37.96 -21.57 14.92
C ASN A 208 38.19 -21.73 13.42
N TRP A 209 38.73 -20.67 12.81
CA TRP A 209 39.02 -20.66 11.38
C TRP A 209 37.81 -21.07 10.54
N ASP A 210 36.61 -20.86 11.09
CA ASP A 210 35.36 -21.02 10.34
C ASP A 210 35.21 -22.42 9.76
N ILE A 211 35.59 -23.42 10.55
CA ILE A 211 35.48 -24.80 10.11
C ILE A 211 34.02 -25.19 9.93
N HIS A 212 33.17 -24.79 10.87
CA HIS A 212 31.79 -25.22 10.88
C HIS A 212 30.80 -24.13 10.50
N GLN A 213 31.17 -22.86 10.62
CA GLN A 213 30.29 -21.78 10.23
C GLN A 213 31.11 -20.63 9.69
N ASP A 214 30.51 -19.89 8.75
CA ASP A 214 31.12 -18.66 8.25
C ASP A 214 30.80 -17.54 9.23
N SER A 215 31.63 -17.44 10.27
CA SER A 215 31.35 -16.52 11.37
C SER A 215 31.57 -15.05 11.01
N ASN A 216 32.30 -14.72 9.94
CA ASN A 216 32.51 -13.33 9.59
C ASN A 216 31.89 -12.96 8.25
N CYS A 217 31.01 -13.80 7.72
CA CYS A 217 30.16 -13.46 6.59
C CYS A 217 30.91 -13.15 5.31
N ASN A 218 32.19 -13.51 5.20
CA ASN A 218 32.94 -13.26 3.99
C ASN A 218 32.81 -14.40 2.97
N GLY A 219 31.94 -15.36 3.22
CA GLY A 219 31.66 -16.42 2.27
C GLY A 219 32.64 -17.56 2.28
N ILE A 220 33.71 -17.46 3.06
CA ILE A 220 34.78 -18.44 3.12
C ILE A 220 34.62 -19.22 4.42
N TRP A 221 34.56 -20.54 4.32
CA TRP A 221 34.42 -21.39 5.50
C TRP A 221 34.62 -22.84 5.07
N GLY A 222 34.55 -23.75 6.03
CA GLY A 222 34.72 -25.16 5.75
C GLY A 222 36.19 -25.52 5.65
N ILE A 223 36.43 -26.79 5.31
CA ILE A 223 37.78 -27.35 5.27
C ILE A 223 38.04 -27.93 3.89
N ASP A 224 39.30 -27.85 3.47
CA ASP A 224 39.72 -28.46 2.22
C ASP A 224 39.71 -29.97 2.38
N PRO A 225 39.00 -30.72 1.53
CA PRO A 225 38.95 -32.18 1.70
C PRO A 225 40.28 -32.88 1.52
N LYS A 226 41.24 -32.27 0.81
CA LYS A 226 42.51 -32.94 0.56
C LYS A 226 43.35 -32.99 1.83
N ASP A 227 43.68 -31.83 2.39
CA ASP A 227 44.55 -31.76 3.56
C ASP A 227 43.79 -31.46 4.85
N GLY A 228 42.48 -31.30 4.80
CA GLY A 228 41.71 -30.91 5.95
C GLY A 228 42.01 -29.53 6.51
N ILE A 229 42.74 -28.68 5.79
CA ILE A 229 43.07 -27.35 6.32
C ILE A 229 41.87 -26.43 6.10
N PRO A 230 41.47 -25.64 7.10
CA PRO A 230 40.34 -24.74 6.89
C PRO A 230 40.65 -23.76 5.78
N TYR A 231 39.64 -23.51 4.92
CA TYR A 231 39.82 -22.59 3.81
C TYR A 231 40.15 -21.18 4.29
N GLU A 232 39.50 -20.73 5.36
CA GLU A 232 39.78 -19.38 5.85
C GLU A 232 41.20 -19.27 6.36
N LYS A 233 41.73 -20.34 6.96
CA LYS A 233 43.14 -20.34 7.35
C LYS A 233 44.03 -20.31 6.11
N LYS A 234 43.78 -21.24 5.19
CA LYS A 234 44.60 -21.34 3.98
C LYS A 234 44.54 -20.06 3.16
N PHE A 235 43.36 -19.49 3.01
CA PHE A 235 43.16 -18.37 2.09
C PHE A 235 43.29 -16.99 2.73
N CYS A 236 43.14 -16.86 4.06
CA CYS A 236 43.10 -15.55 4.71
C CYS A 236 44.14 -15.32 5.81
N GLU A 237 44.67 -16.37 6.44
CA GLU A 237 45.72 -16.17 7.44
C GLU A 237 46.89 -15.42 6.84
N GLY A 238 47.33 -14.38 7.53
CA GLY A 238 48.44 -13.58 7.04
C GLY A 238 48.10 -12.55 5.99
N SER A 239 46.89 -12.57 5.41
CA SER A 239 46.53 -11.59 4.38
C SER A 239 46.16 -10.22 4.97
N GLN A 240 46.09 -10.12 6.30
CA GLN A 240 45.77 -8.90 7.04
C GLN A 240 44.47 -8.28 6.53
N PRO A 241 43.33 -8.94 6.74
CA PRO A 241 42.04 -8.34 6.37
C PRO A 241 41.79 -7.06 7.16
N ARG A 242 41.02 -6.16 6.55
CA ARG A 242 40.61 -4.93 7.20
C ARG A 242 39.26 -4.49 6.62
N GLY A 243 38.47 -3.84 7.43
CA GLY A 243 37.25 -3.25 6.96
C GLY A 243 37.42 -1.81 6.50
N ILE A 244 36.38 -1.29 5.85
CA ILE A 244 36.28 0.13 5.54
C ILE A 244 35.09 0.70 6.31
N ILE A 245 35.36 1.74 7.08
CA ILE A 245 34.36 2.42 7.89
C ILE A 245 34.41 3.89 7.48
N LEU A 246 33.28 4.41 7.05
CA LEU A 246 33.11 5.83 6.76
C LEU A 246 32.44 6.53 7.94
N LEU A 247 33.04 7.61 8.40
CA LEU A 247 32.41 8.54 9.30
C LEU A 247 32.05 9.74 8.45
N GLY A 248 30.77 9.86 8.08
CA GLY A 248 30.38 10.77 7.02
C GLY A 248 29.10 11.53 7.28
N ASP A 249 28.83 12.43 6.35
CA ASP A 249 27.67 13.26 6.26
C ASP A 249 26.81 12.84 5.06
N ALA A 250 25.92 13.74 4.63
CA ALA A 250 25.01 13.41 3.53
C ALA A 250 25.77 13.09 2.25
N ALA A 251 26.83 13.82 1.98
CA ALA A 251 27.62 13.55 0.79
C ALA A 251 28.28 12.18 0.86
N GLY A 252 28.76 11.79 2.05
CA GLY A 252 29.39 10.49 2.20
C GLY A 252 28.41 9.34 2.08
N ALA A 253 27.18 9.54 2.53
CA ALA A 253 26.11 8.56 2.36
C ALA A 253 25.42 8.67 1.01
N HIS A 254 25.86 9.59 0.15
CA HIS A 254 25.34 9.76 -1.22
C HIS A 254 23.85 10.12 -1.19
N PHE A 255 23.55 11.22 -0.52
CA PHE A 255 22.23 11.85 -0.64
C PHE A 255 21.91 12.12 -2.11
N HIS A 256 20.73 11.72 -2.55
CA HIS A 256 20.38 11.88 -3.96
C HIS A 256 18.88 11.78 -4.13
N ILE A 257 18.27 12.86 -4.62
CA ILE A 257 16.88 12.87 -5.05
C ILE A 257 16.88 12.74 -6.58
N PRO A 258 16.41 11.65 -7.15
CA PRO A 258 16.39 11.53 -8.60
C PRO A 258 15.61 12.68 -9.21
N PRO A 259 16.20 13.38 -10.19
CA PRO A 259 15.43 14.44 -10.86
C PRO A 259 14.23 13.88 -11.63
N GLU A 260 14.22 12.58 -11.90
CA GLU A 260 13.09 11.90 -12.51
C GLU A 260 11.83 12.02 -11.67
N TRP A 261 11.97 12.24 -10.35
CA TRP A 261 10.80 12.37 -9.49
C TRP A 261 10.10 13.71 -9.65
N LEU A 262 10.78 14.70 -10.26
CA LEU A 262 10.33 16.09 -10.29
C LEU A 262 10.18 16.65 -11.69
N THR A 263 10.44 15.87 -12.73
CA THR A 263 10.45 16.37 -14.11
CA THR A 263 10.45 16.35 -14.11
C THR A 263 9.29 15.70 -14.85
N ALA A 264 8.18 16.44 -14.96
CA ALA A 264 6.94 15.91 -15.52
C ALA A 264 7.14 15.34 -16.91
N SER A 265 7.96 15.99 -17.73
CA SER A 265 8.08 15.62 -19.14
C SER A 265 8.61 14.20 -19.33
N GLN A 266 9.29 13.63 -18.34
CA GLN A 266 9.84 12.27 -18.47
C GLN A 266 9.24 11.31 -17.46
N MET A 267 8.19 11.71 -16.75
CA MET A 267 7.70 10.95 -15.61
C MET A 267 6.85 9.76 -16.05
N SER A 268 6.95 8.64 -15.32
CA SER A 268 6.18 7.43 -15.61
C SER A 268 6.11 6.60 -14.34
N VAL A 269 5.48 5.43 -14.44
CA VAL A 269 5.47 4.50 -13.32
C VAL A 269 6.88 4.13 -12.92
N ASN A 270 7.77 3.98 -13.91
CA ASN A 270 9.13 3.54 -13.62
C ASN A 270 9.94 4.60 -12.90
N SER A 271 9.48 5.86 -12.90
CA SER A 271 10.21 6.93 -12.25
C SER A 271 10.27 6.75 -10.74
N PHE A 272 9.26 6.12 -10.15
CA PHE A 272 9.09 6.12 -8.69
C PHE A 272 9.26 4.75 -8.08
N LEU A 273 9.79 3.78 -8.82
CA LEU A 273 9.91 2.42 -8.29
C LEU A 273 10.88 2.39 -7.12
N ASN A 274 11.87 3.27 -7.14
CA ASN A 274 12.89 3.40 -6.10
C ASN A 274 12.50 4.35 -4.99
N LEU A 275 11.30 4.90 -5.03
CA LEU A 275 10.93 5.89 -4.01
C LEU A 275 10.79 5.27 -2.63
N PRO A 276 10.11 4.12 -2.45
CA PRO A 276 9.99 3.58 -1.09
C PRO A 276 11.32 3.26 -0.46
N SER A 277 12.25 2.63 -1.20
CA SER A 277 13.52 2.27 -0.58
C SER A 277 14.38 3.51 -0.35
N ALA A 278 14.35 4.48 -1.25
CA ALA A 278 15.09 5.70 -1.01
C ALA A 278 14.58 6.42 0.22
N LEU A 279 13.26 6.47 0.41
CA LEU A 279 12.74 7.15 1.58
C LEU A 279 13.17 6.45 2.86
N THR A 280 13.12 5.11 2.89
CA THR A 280 13.51 4.38 4.10
C THR A 280 15.03 4.32 4.29
N ASP A 281 15.79 4.82 3.32
CA ASP A 281 17.23 5.08 3.43
C ASP A 281 17.52 6.56 3.67
N GLU A 282 16.51 7.34 4.05
CA GLU A 282 16.69 8.75 4.42
C GLU A 282 17.18 9.58 3.23
N LEU A 283 16.82 9.11 2.03
CA LEU A 283 17.24 9.69 0.74
C LEU A 283 18.74 9.56 0.52
N ASN A 284 19.38 8.67 1.25
CA ASN A 284 20.76 8.32 1.04
C ASN A 284 20.84 7.03 0.22
N TRP A 285 21.96 6.87 -0.47
CA TRP A 285 22.24 5.69 -1.30
C TRP A 285 23.65 5.18 -0.99
N PRO A 286 23.92 4.81 0.26
CA PRO A 286 25.29 4.37 0.62
C PRO A 286 25.78 3.21 -0.22
N GLN A 287 24.87 2.34 -0.67
CA GLN A 287 25.19 1.19 -1.49
C GLN A 287 25.75 1.56 -2.84
N LEU A 288 25.71 2.84 -3.20
CA LEU A 288 26.29 3.37 -4.43
C LEU A 288 27.32 4.46 -4.16
N SER A 289 27.74 4.62 -2.91
CA SER A 289 28.63 5.73 -2.58
C SER A 289 30.07 5.42 -2.99
N GLY A 290 30.89 6.47 -3.04
CA GLY A 290 32.28 6.30 -3.43
C GLY A 290 33.11 5.55 -2.41
N VAL A 291 32.72 5.56 -1.14
CA VAL A 291 33.51 4.87 -0.10
C VAL A 291 32.98 3.48 0.18
N THR A 292 31.68 3.34 0.42
CA THR A 292 31.11 2.07 0.86
C THR A 292 30.18 1.41 -0.16
N GLY A 293 30.14 1.90 -1.39
CA GLY A 293 29.25 1.32 -2.38
C GLY A 293 29.67 -0.10 -2.73
N PHE A 294 28.68 -0.96 -2.94
CA PHE A 294 28.95 -2.33 -3.33
C PHE A 294 28.12 -2.77 -4.53
N LEU A 295 27.23 -1.93 -5.03
CA LEU A 295 26.51 -2.21 -6.26
C LEU A 295 27.26 -1.60 -7.44
N ASP A 296 26.99 -2.14 -8.62
CA ASP A 296 27.63 -1.63 -9.82
C ASP A 296 27.05 -0.27 -10.16
N SER A 297 27.92 0.64 -10.58
CA SER A 297 27.54 2.02 -10.78
C SER A 297 26.46 2.14 -11.84
N THR A 298 25.49 3.02 -11.59
CA THR A 298 24.52 3.37 -12.62
C THR A 298 25.15 4.25 -13.69
N SER A 299 26.17 5.04 -13.32
CA SER A 299 26.62 6.16 -14.13
C SER A 299 27.16 5.71 -15.47
N GLY A 300 28.06 4.74 -15.47
CA GLY A 300 28.78 4.37 -16.66
C GLY A 300 30.24 4.77 -16.64
N ILE A 301 30.72 5.42 -15.58
CA ILE A 301 32.16 5.48 -15.37
C ILE A 301 32.60 4.16 -14.73
N GLU A 302 33.88 3.85 -14.87
CA GLU A 302 34.42 2.58 -14.46
C GLU A 302 35.08 2.64 -13.09
N GLU A 303 35.18 3.82 -12.48
CA GLU A 303 35.75 3.95 -11.15
C GLU A 303 34.88 3.22 -10.13
N LYS A 304 35.53 2.53 -9.19
CA LYS A 304 34.84 1.74 -8.20
C LYS A 304 35.05 2.32 -6.81
N SER A 305 34.19 1.93 -5.89
CA SER A 305 34.25 2.43 -4.52
C SER A 305 35.50 1.93 -3.82
N ILE A 306 35.84 2.59 -2.71
CA ILE A 306 36.93 2.11 -1.87
CA ILE A 306 36.93 2.11 -1.86
C ILE A 306 36.67 0.68 -1.41
N TYR A 307 35.44 0.41 -0.95
CA TYR A 307 35.11 -0.96 -0.53
C TYR A 307 35.37 -1.94 -1.67
N HIS A 308 34.87 -1.63 -2.87
CA HIS A 308 35.03 -2.55 -3.98
CA HIS A 308 35.03 -2.55 -3.98
C HIS A 308 36.51 -2.80 -4.29
N ARG A 309 37.33 -1.76 -4.19
CA ARG A 309 38.77 -1.89 -4.47
CA ARG A 309 38.75 -1.92 -4.48
C ARG A 309 39.46 -2.72 -3.39
N LEU A 310 39.07 -2.51 -2.13
CA LEU A 310 39.65 -3.26 -1.03
C LEU A 310 39.25 -4.73 -1.10
N ARG A 311 38.00 -5.01 -1.45
CA ARG A 311 37.55 -6.38 -1.65
C ARG A 311 38.31 -7.04 -2.78
N LYS A 312 38.59 -6.28 -3.84
CA LYS A 312 39.31 -6.78 -4.98
C LYS A 312 40.76 -7.06 -4.63
N ARG A 313 41.37 -6.20 -3.80
CA ARG A 313 42.73 -6.46 -3.37
C ARG A 313 42.81 -7.70 -2.48
N ASN A 314 41.84 -7.90 -1.59
CA ASN A 314 41.81 -9.07 -0.71
C ASN A 314 40.36 -9.53 -0.55
N HIS A 315 40.01 -10.62 -1.23
CA HIS A 315 38.64 -11.10 -1.19
C HIS A 315 38.18 -11.49 0.21
N CYS A 316 39.10 -11.71 1.16
CA CYS A 316 38.69 -12.00 2.52
C CYS A 316 37.87 -10.86 3.13
N ASN A 317 37.99 -9.66 2.57
CA ASN A 317 37.28 -8.47 3.04
C ASN A 317 35.83 -8.36 2.57
N HIS A 318 35.33 -9.38 1.87
CA HIS A 318 33.94 -9.39 1.41
C HIS A 318 32.97 -9.08 2.55
N ARG A 319 32.13 -8.05 2.33
CA ARG A 319 31.03 -7.54 3.17
C ARG A 319 31.54 -6.71 4.35
N ASP A 320 32.84 -6.44 4.45
CA ASP A 320 33.35 -5.67 5.59
C ASP A 320 33.37 -4.16 5.28
N TYR A 321 32.17 -3.58 5.22
CA TYR A 321 31.93 -2.15 5.04
C TYR A 321 30.90 -1.68 6.06
N GLN A 322 31.03 -0.42 6.48
CA GLN A 322 30.08 0.25 7.36
C GLN A 322 30.06 1.73 7.00
N SER A 323 28.89 2.25 6.68
CA SER A 323 28.73 3.70 6.49
C SER A 323 28.12 4.29 7.76
N ILE A 324 28.96 4.86 8.61
CA ILE A 324 28.49 5.50 9.86
C ILE A 324 28.32 6.97 9.50
N SER A 325 27.23 7.26 8.80
CA SER A 325 27.06 8.56 8.17
CA SER A 325 27.07 8.58 8.21
C SER A 325 25.65 9.07 8.40
N LYS A 326 25.51 10.38 8.49
CA LYS A 326 24.19 11.00 8.66
C LYS A 326 24.10 12.33 7.93
N ASN A 327 22.93 12.59 7.34
CA ASN A 327 22.61 13.93 6.85
C ASN A 327 22.80 14.94 7.97
N GLY A 328 23.52 16.01 7.67
CA GLY A 328 23.78 17.05 8.64
C GLY A 328 24.97 16.81 9.56
N ALA A 329 25.68 15.70 9.42
CA ALA A 329 26.78 15.41 10.33
C ALA A 329 27.91 16.43 10.16
N SER A 330 28.54 16.78 11.28
CA SER A 330 29.66 17.71 11.32
C SER A 330 30.60 17.29 12.45
N SER A 331 31.74 17.96 12.54
CA SER A 331 32.67 17.64 13.63
C SER A 331 32.03 17.84 14.98
N ARG A 332 31.03 18.72 15.05
CA ARG A 332 30.38 19.04 16.33
C ARG A 332 29.42 17.96 16.80
N ASN A 333 28.70 17.31 15.88
CA ASN A 333 27.62 16.43 16.27
C ASN A 333 27.88 14.97 15.94
N LEU A 334 29.05 14.65 15.39
CA LEU A 334 29.38 13.25 15.16
C LEU A 334 29.32 12.45 16.45
N LYS A 335 29.68 13.06 17.57
CA LYS A 335 29.67 12.36 18.85
C LYS A 335 28.27 11.85 19.22
N ASN A 336 27.21 12.40 18.62
CA ASN A 336 25.87 11.97 18.94
C ASN A 336 25.50 10.64 18.29
N PHE A 337 26.22 10.18 17.25
CA PHE A 337 25.93 8.88 16.67
C PHE A 337 27.15 8.00 16.42
N ILE A 338 28.37 8.45 16.74
CA ILE A 338 29.54 7.63 16.48
C ILE A 338 29.48 6.30 17.25
N GLU A 339 28.70 6.22 18.32
CA GLU A 339 28.64 4.97 19.05
C GLU A 339 27.95 3.87 18.24
N SER A 340 27.28 4.23 17.14
CA SER A 340 26.68 3.23 16.25
C SER A 340 27.73 2.43 15.48
N LEU A 341 28.98 2.90 15.43
CA LEU A 341 30.04 2.13 14.80
C LEU A 341 30.21 0.79 15.51
N SER A 342 30.39 -0.28 14.74
CA SER A 342 30.53 -1.62 15.30
CA SER A 342 30.53 -1.62 15.30
C SER A 342 31.93 -2.15 15.00
N ARG A 343 32.77 -2.20 16.03
CA ARG A 343 34.10 -2.79 15.87
C ARG A 343 34.58 -3.15 17.26
N ASN A 344 34.55 -4.44 17.56
CA ASN A 344 34.98 -4.94 18.87
C ASN A 344 36.51 -5.01 18.90
N GLN A 345 37.11 -4.27 19.84
CA GLN A 345 38.56 -4.09 19.86
C GLN A 345 39.29 -5.41 20.00
N ALA A 346 38.73 -6.36 20.73
CA ALA A 346 39.40 -7.63 20.97
C ALA A 346 39.11 -8.69 19.90
N SER A 347 37.92 -8.64 19.29
CA SER A 347 37.50 -9.75 18.46
C SER A 347 37.40 -9.46 16.97
N ASP A 348 37.60 -8.22 16.52
CA ASP A 348 37.38 -7.84 15.14
C ASP A 348 38.70 -7.53 14.42
N HIS A 349 38.71 -7.75 13.10
CA HIS A 349 39.83 -7.30 12.30
C HIS A 349 39.97 -5.79 12.40
N PRO A 350 41.15 -5.25 12.12
CA PRO A 350 41.31 -3.79 12.09
C PRO A 350 40.50 -3.18 10.96
N ALA A 351 40.49 -1.85 10.94
CA ALA A 351 39.68 -1.12 9.96
C ALA A 351 40.45 0.08 9.45
N ILE A 352 40.14 0.46 8.20
CA ILE A 352 40.41 1.80 7.67
C ILE A 352 39.19 2.67 7.95
N VAL A 353 39.40 3.78 8.63
CA VAL A 353 38.33 4.71 8.98
C VAL A 353 38.58 6.02 8.25
N LEU A 354 37.61 6.43 7.44
CA LEU A 354 37.68 7.71 6.74
C LEU A 354 36.82 8.70 7.49
N TYR A 355 37.44 9.75 7.99
CA TYR A 355 36.74 10.87 8.63
C TYR A 355 36.45 11.87 7.54
N ALA A 356 35.18 11.99 7.17
CA ALA A 356 34.78 12.75 5.99
C ALA A 356 33.65 13.71 6.36
N MET A 357 33.97 14.67 7.22
CA MET A 357 33.03 15.77 7.49
C MET A 357 33.40 16.89 6.52
N ILE A 358 32.85 16.83 5.30
CA ILE A 358 33.36 17.62 4.19
C ILE A 358 32.59 18.91 3.99
N GLY A 359 31.72 19.31 4.91
CA GLY A 359 31.07 20.58 4.67
C GLY A 359 30.26 21.20 5.78
N ASN A 360 29.65 20.41 6.66
CA ASN A 360 28.67 21.01 7.56
C ASN A 360 29.29 21.81 8.68
N ASP A 361 30.62 21.79 8.81
CA ASP A 361 31.26 22.74 9.71
C ASP A 361 31.33 24.15 9.11
N VAL A 362 31.14 24.33 7.81
CA VAL A 362 30.94 25.66 7.25
C VAL A 362 29.57 25.87 6.64
N CYS A 363 28.85 24.80 6.29
CA CYS A 363 27.53 24.89 5.66
C CYS A 363 26.44 24.80 6.72
N ASN A 364 25.58 25.81 6.79
CA ASN A 364 24.41 25.74 7.65
C ASN A 364 23.30 26.58 7.05
N SER A 365 22.12 26.49 7.67
CA SER A 365 20.90 27.12 7.16
CA SER A 365 20.90 27.12 7.16
C SER A 365 20.50 28.37 7.94
N LYS A 366 21.37 28.90 8.78
CA LYS A 366 21.03 30.08 9.55
C LYS A 366 21.24 31.32 8.71
N ALA A 367 20.29 32.26 8.79
CA ALA A 367 20.36 33.48 8.01
C ALA A 367 21.70 34.20 8.19
N ASP A 368 22.10 34.44 9.44
CA ASP A 368 23.42 34.95 9.77
C ASP A 368 24.33 33.74 9.95
N THR A 369 24.97 33.33 8.86
CA THR A 369 25.52 31.99 8.75
C THR A 369 26.96 31.88 9.26
N VAL A 370 27.75 32.95 9.22
CA VAL A 370 29.16 32.86 9.58
C VAL A 370 29.33 32.54 11.07
N PRO A 371 28.53 33.11 11.97
CA PRO A 371 28.71 32.82 13.40
C PRO A 371 28.50 31.35 13.76
N GLU A 372 27.79 30.58 12.96
CA GLU A 372 27.60 29.16 13.26
C GLU A 372 28.65 28.29 12.58
N MET A 373 29.60 28.87 11.85
CA MET A 373 30.68 28.08 11.27
C MET A 373 31.68 27.70 12.35
N THR A 374 32.17 26.47 12.29
CA THR A 374 33.12 25.99 13.29
C THR A 374 34.44 26.74 13.16
N THR A 375 35.04 27.07 14.31
CA THR A 375 36.36 27.68 14.32
C THR A 375 37.44 26.61 14.25
N PRO A 376 38.63 26.97 13.78
CA PRO A 376 39.75 26.01 13.82
C PRO A 376 39.98 25.43 15.20
N GLU A 377 39.85 26.23 16.26
CA GLU A 377 40.11 25.76 17.61
C GLU A 377 39.05 24.76 18.03
N GLN A 378 37.79 25.03 17.70
CA GLN A 378 36.73 24.08 18.00
C GLN A 378 36.91 22.80 17.20
N MET A 379 37.20 22.94 15.91
CA MET A 379 37.47 21.76 15.08
C MET A 379 38.55 20.87 15.71
N TYR A 380 39.65 21.47 16.17
CA TYR A 380 40.70 20.70 16.80
C TYR A 380 40.16 19.92 18.00
N ALA A 381 39.42 20.61 18.87
CA ALA A 381 38.86 19.95 20.05
C ALA A 381 37.90 18.83 19.67
N ASN A 382 37.05 19.09 18.66
CA ASN A 382 36.06 18.10 18.24
C ASN A 382 36.71 16.84 17.69
N VAL A 383 37.64 17.01 16.75
CA VAL A 383 38.33 15.89 16.12
C VAL A 383 39.13 15.07 17.13
N MET A 384 39.85 15.75 18.02
CA MET A 384 40.61 15.03 19.05
C MET A 384 39.72 14.17 19.93
N GLN A 385 38.53 14.69 20.28
CA GLN A 385 37.57 13.89 21.03
CA GLN A 385 37.55 13.91 21.02
C GLN A 385 37.14 12.66 20.24
N THR A 386 36.88 12.82 18.94
CA THR A 386 36.50 11.69 18.10
C THR A 386 37.65 10.66 18.03
N LEU A 387 38.87 11.13 17.77
CA LEU A 387 40.03 10.25 17.66
C LEU A 387 40.31 9.52 18.97
N THR A 388 40.21 10.23 20.10
CA THR A 388 40.37 9.58 21.39
C THR A 388 39.32 8.49 21.59
N HIS A 389 38.10 8.76 21.12
CA HIS A 389 37.04 7.75 21.18
C HIS A 389 37.35 6.58 20.27
N LEU A 390 37.81 6.86 19.04
CA LEU A 390 38.17 5.78 18.13
C LEU A 390 39.27 4.92 18.72
N ASN A 391 40.24 5.54 19.39
CA ASN A 391 41.37 4.78 19.91
C ASN A 391 40.93 3.68 20.86
N SER A 392 39.87 3.94 21.62
CA SER A 392 39.40 2.95 22.58
C SER A 392 38.34 2.01 22.00
N HIS A 393 37.97 2.17 20.72
CA HIS A 393 36.95 1.34 20.10
C HIS A 393 37.38 0.72 18.78
N LEU A 394 38.65 0.84 18.39
CA LEU A 394 39.14 0.22 17.19
C LEU A 394 40.19 -0.83 17.54
N PRO A 395 40.22 -1.95 16.83
CA PRO A 395 41.32 -2.91 17.01
C PRO A 395 42.65 -2.28 16.67
N ASN A 396 43.69 -2.74 17.36
CA ASN A 396 45.04 -2.29 17.06
C ASN A 396 45.39 -2.66 15.62
N GLY A 397 46.19 -1.81 14.98
CA GLY A 397 46.51 -2.01 13.58
C GLY A 397 45.56 -1.33 12.61
N SER A 398 44.68 -0.48 13.12
CA SER A 398 43.75 0.29 12.31
C SER A 398 44.45 1.54 11.74
N HIS A 399 43.73 2.20 10.84
CA HIS A 399 44.24 3.35 10.11
C HIS A 399 43.10 4.35 9.99
N VAL A 400 43.37 5.61 10.26
CA VAL A 400 42.38 6.67 10.16
C VAL A 400 42.87 7.70 9.15
N ILE A 401 42.01 8.07 8.20
CA ILE A 401 42.29 9.08 7.19
C ILE A 401 41.33 10.24 7.40
N LEU A 402 41.88 11.44 7.59
CA LEU A 402 41.08 12.65 7.67
C LEU A 402 40.98 13.27 6.30
N TYR A 403 39.74 13.57 5.87
CA TYR A 403 39.47 14.22 4.60
C TYR A 403 39.41 15.73 4.78
N GLY A 404 40.08 16.46 3.90
CA GLY A 404 39.89 17.90 3.86
C GLY A 404 38.55 18.31 3.28
N LEU A 405 38.18 19.61 3.52
CA LEU A 405 36.94 20.17 2.98
C LEU A 405 37.15 20.71 1.57
N PRO A 406 36.19 20.53 0.68
CA PRO A 406 36.30 21.12 -0.67
C PRO A 406 36.06 22.62 -0.65
N ASP A 407 36.46 23.25 -1.74
CA ASP A 407 36.10 24.64 -1.98
C ASP A 407 34.79 24.68 -2.77
N GLY A 408 33.71 25.02 -2.10
CA GLY A 408 32.41 24.97 -2.70
C GLY A 408 31.96 26.20 -3.49
N THR A 409 32.81 27.20 -3.73
CA THR A 409 32.37 28.26 -4.66
C THR A 409 32.00 27.71 -6.02
N PHE A 410 32.47 26.51 -6.29
CA PHE A 410 32.13 25.73 -7.47
C PHE A 410 30.62 25.66 -7.72
N LEU A 411 29.83 25.62 -6.64
CA LEU A 411 28.41 25.40 -6.79
C LEU A 411 27.76 26.56 -7.52
N TRP A 412 27.94 27.78 -6.97
CA TRP A 412 27.31 28.96 -7.55
C TRP A 412 27.80 29.19 -8.98
N ASP A 413 29.11 29.14 -9.17
CA ASP A 413 29.70 29.47 -10.46
C ASP A 413 29.20 28.53 -11.56
N SER A 414 29.06 27.24 -11.24
CA SER A 414 28.61 26.25 -12.23
C SER A 414 27.12 26.32 -12.49
N LEU A 415 26.32 26.62 -11.47
CA LEU A 415 24.88 26.38 -11.55
C LEU A 415 24.01 27.62 -11.57
N HIS A 416 24.52 28.78 -11.17
CA HIS A 416 23.60 29.86 -10.81
C HIS A 416 22.69 30.26 -11.97
N ASN A 417 23.18 30.21 -13.22
CA ASN A 417 22.39 30.55 -14.40
C ASN A 417 21.79 29.33 -15.09
N ARG A 418 21.98 28.14 -14.56
CA ARG A 418 21.31 26.99 -15.12
C ARG A 418 19.92 26.85 -14.49
N TYR A 419 19.06 26.10 -15.18
CA TYR A 419 17.69 25.89 -14.71
C TYR A 419 17.62 24.67 -13.80
N HIS A 420 16.99 24.84 -12.66
CA HIS A 420 16.67 23.73 -11.78
C HIS A 420 15.69 22.79 -12.47
N PRO A 421 15.71 21.46 -12.13
CA PRO A 421 14.69 20.53 -12.66
C PRO A 421 13.28 21.08 -12.66
N LEU A 422 12.87 21.76 -11.60
CA LEU A 422 11.53 22.34 -11.55
C LEU A 422 11.35 23.52 -12.48
N GLY A 423 12.44 24.18 -12.87
CA GLY A 423 12.35 25.28 -13.81
C GLY A 423 12.64 24.91 -15.25
N GLN A 424 12.88 23.63 -15.55
CA GLN A 424 13.33 23.29 -16.89
C GLN A 424 12.19 23.35 -17.90
N LEU A 425 10.98 22.93 -17.52
CA LEU A 425 9.87 22.97 -18.46
C LEU A 425 9.66 24.36 -19.04
N ASN A 426 9.54 25.38 -18.19
CA ASN A 426 9.20 26.72 -18.63
C ASN A 426 10.37 27.69 -18.51
N LYS A 427 11.57 27.19 -18.22
CA LYS A 427 12.78 28.02 -18.09
C LYS A 427 12.52 29.21 -17.17
N ASP A 428 12.00 28.93 -15.96
CA ASP A 428 11.59 29.98 -15.05
C ASP A 428 12.10 29.82 -13.61
N VAL A 429 12.89 28.79 -13.31
CA VAL A 429 13.56 28.67 -12.01
C VAL A 429 15.03 28.34 -12.28
N THR A 430 15.90 29.33 -12.14
CA THR A 430 17.33 29.10 -12.12
C THR A 430 17.74 28.54 -10.76
N TYR A 431 18.96 28.01 -10.68
CA TYR A 431 19.45 27.63 -9.37
C TYR A 431 19.53 28.83 -8.44
N ALA A 432 19.86 30.01 -8.95
CA ALA A 432 19.88 31.18 -8.07
C ALA A 432 18.50 31.39 -7.42
N GLN A 433 17.44 31.28 -8.21
CA GLN A 433 16.09 31.46 -7.66
C GLN A 433 15.76 30.33 -6.68
N PHE A 434 16.17 29.11 -7.01
CA PHE A 434 16.00 27.97 -6.13
C PHE A 434 16.71 28.18 -4.80
N PHE A 435 17.98 28.59 -4.84
CA PHE A 435 18.70 28.83 -3.60
C PHE A 435 18.02 29.92 -2.78
N SER A 436 17.58 30.99 -3.43
CA SER A 436 16.94 32.09 -2.72
CA SER A 436 16.93 32.09 -2.72
C SER A 436 15.66 31.62 -2.02
N PHE A 437 14.87 30.78 -2.70
CA PHE A 437 13.67 30.22 -2.13
C PHE A 437 13.99 29.41 -0.88
N LEU A 438 14.96 28.51 -0.98
CA LEU A 438 15.35 27.70 0.17
C LEU A 438 15.85 28.57 1.31
N ARG A 439 16.63 29.61 0.99
CA ARG A 439 17.14 30.49 2.03
C ARG A 439 15.98 31.18 2.76
N CYS A 440 14.98 31.63 2.00
CA CYS A 440 13.82 32.25 2.62
C CYS A 440 13.09 31.28 3.54
N LEU A 441 13.04 29.99 3.17
CA LEU A 441 12.41 28.98 4.01
C LEU A 441 13.32 28.50 5.13
N GLN A 442 14.52 29.06 5.27
CA GLN A 442 15.48 28.57 6.24
C GLN A 442 15.83 27.11 5.99
N LEU A 443 15.80 26.67 4.74
CA LEU A 443 16.12 25.30 4.37
C LEU A 443 17.32 25.20 3.44
N ASN A 444 18.01 26.29 3.18
CA ASN A 444 19.16 26.21 2.33
C ASN A 444 20.24 25.47 3.10
N PRO A 445 20.79 24.38 2.58
CA PRO A 445 21.72 23.59 3.38
C PRO A 445 23.11 24.21 3.51
N CYS A 446 23.45 25.20 2.67
CA CYS A 446 24.76 25.85 2.75
C CYS A 446 24.61 27.32 2.36
N ASN A 447 24.16 28.14 3.34
CA ASN A 447 24.00 29.57 3.07
C ASN A 447 25.32 30.22 2.68
N GLY A 448 26.45 29.66 3.08
CA GLY A 448 27.73 30.31 2.79
C GLY A 448 28.15 30.21 1.34
N TRP A 449 27.83 29.10 0.68
CA TRP A 449 28.21 28.87 -0.70
C TRP A 449 27.05 28.94 -1.70
N MET A 450 25.85 28.57 -1.28
CA MET A 450 24.67 28.60 -2.14
C MET A 450 23.98 29.95 -2.01
N SER A 451 24.72 30.97 -2.44
CA SER A 451 24.45 32.37 -2.12
C SER A 451 24.87 33.23 -3.29
N SER A 452 24.09 34.27 -3.57
CA SER A 452 24.46 35.24 -4.59
C SER A 452 25.46 36.27 -4.09
N ASN A 453 25.91 36.16 -2.83
CA ASN A 453 26.84 37.11 -2.22
C ASN A 453 28.27 36.56 -2.36
N LYS A 454 29.03 37.11 -3.30
CA LYS A 454 30.36 36.60 -3.62
C LYS A 454 31.32 36.76 -2.44
N THR A 455 31.18 37.84 -1.69
CA THR A 455 32.05 38.07 -0.54
C THR A 455 31.85 36.99 0.51
N LEU A 456 30.60 36.56 0.70
CA LEU A 456 30.31 35.48 1.62
C LEU A 456 30.82 34.14 1.08
N ARG A 457 30.61 33.86 -0.22
CA ARG A 457 31.16 32.64 -0.79
C ARG A 457 32.67 32.56 -0.57
N THR A 458 33.35 33.69 -0.72
CA THR A 458 34.80 33.73 -0.49
C THR A 458 35.15 33.48 0.97
N LEU A 459 34.40 34.09 1.89
CA LEU A 459 34.64 33.88 3.32
CA LEU A 459 34.63 33.88 3.31
C LEU A 459 34.46 32.41 3.68
N THR A 460 33.43 31.78 3.15
CA THR A 460 33.16 30.37 3.46
C THR A 460 34.31 29.51 3.00
N SER A 461 34.85 29.81 1.83
CA SER A 461 35.97 29.03 1.31
C SER A 461 37.21 29.24 2.16
N GLU A 462 37.45 30.47 2.63
CA GLU A 462 38.58 30.74 3.54
C GLU A 462 38.48 29.88 4.79
N ARG A 463 37.29 29.80 5.37
CA ARG A 463 37.13 29.06 6.61
C ARG A 463 37.33 27.57 6.35
N ALA A 464 36.76 27.06 5.24
CA ALA A 464 36.93 25.66 4.91
C ALA A 464 38.41 25.31 4.77
N GLU A 465 39.19 26.18 4.12
CA GLU A 465 40.61 25.92 3.99
C GLU A 465 41.29 25.89 5.36
N GLN A 466 40.92 26.81 6.24
CA GLN A 466 41.47 26.82 7.60
C GLN A 466 41.12 25.55 8.36
N LEU A 467 39.89 25.07 8.22
CA LEU A 467 39.54 23.82 8.89
C LEU A 467 40.30 22.64 8.28
N SER A 468 40.49 22.64 6.96
CA SER A 468 41.25 21.56 6.33
C SER A 468 42.68 21.55 6.82
N ASN A 469 43.27 22.74 6.97
CA ASN A 469 44.63 22.87 7.53
C ASN A 469 44.70 22.39 8.97
N THR A 470 43.63 22.56 9.74
CA THR A 470 43.58 22.01 11.09
C THR A 470 43.63 20.49 11.06
N LEU A 471 42.83 19.86 10.20
CA LEU A 471 42.87 18.42 10.04
C LEU A 471 44.25 17.96 9.63
N LYS A 472 44.85 18.66 8.65
CA LYS A 472 46.19 18.30 8.20
CA LYS A 472 46.20 18.31 8.20
C LYS A 472 47.17 18.32 9.38
N LYS A 473 47.13 19.38 10.18
CA LYS A 473 48.09 19.46 11.28
C LYS A 473 47.87 18.34 12.29
N ILE A 474 46.60 17.98 12.56
CA ILE A 474 46.31 16.90 13.50
C ILE A 474 46.95 15.61 13.04
N ALA A 475 46.76 15.26 11.77
CA ALA A 475 47.32 14.03 11.23
C ALA A 475 48.85 14.05 11.29
N THR A 476 49.47 15.21 11.13
CA THR A 476 50.92 15.26 11.11
C THR A 476 51.50 15.08 12.51
N THR A 477 50.80 15.56 13.55
CA THR A 477 51.37 15.73 14.88
C THR A 477 50.77 14.88 15.99
N GLU A 478 49.58 14.30 15.81
CA GLU A 478 48.89 13.62 16.91
C GLU A 478 48.96 12.12 16.71
N THR A 479 49.35 11.40 17.77
CA THR A 479 49.58 9.96 17.70
C THR A 479 48.65 9.24 18.67
N PHE A 480 48.29 7.99 18.33
CA PHE A 480 47.34 7.18 19.06
C PHE A 480 47.86 5.76 19.06
N ALA A 481 47.47 5.00 20.09
CA ALA A 481 48.05 3.68 20.30
C ALA A 481 47.56 2.65 19.28
N ASN A 482 46.29 2.75 18.88
CA ASN A 482 45.68 1.68 18.11
C ASN A 482 45.52 1.99 16.63
N PHE A 483 45.93 3.16 16.16
CA PHE A 483 45.88 3.45 14.73
C PHE A 483 46.90 4.53 14.42
N ASP A 484 47.33 4.55 13.16
CA ASP A 484 48.04 5.70 12.64
C ASP A 484 47.07 6.56 11.84
N LEU A 485 47.52 7.77 11.55
CA LEU A 485 46.63 8.86 11.19
C LEU A 485 47.22 9.61 10.01
N PHE A 486 46.39 9.90 9.01
CA PHE A 486 46.83 10.48 7.74
C PHE A 486 45.79 11.50 7.28
N TYR A 487 46.25 12.44 6.44
CA TYR A 487 45.41 13.49 5.89
C TYR A 487 45.43 13.40 4.38
N VAL A 488 44.26 13.57 3.75
CA VAL A 488 44.14 13.67 2.29
C VAL A 488 43.26 14.87 1.98
N ASP A 489 43.73 15.77 1.14
CA ASP A 489 42.88 16.92 0.88
C ASP A 489 41.80 16.52 -0.13
N PHE A 490 40.78 17.38 -0.26
CA PHE A 490 39.71 17.08 -1.20
C PHE A 490 40.17 17.37 -2.62
N ALA A 491 40.60 18.60 -2.87
CA ALA A 491 41.20 19.00 -4.15
C ALA A 491 40.19 18.81 -5.28
N PHE A 492 39.09 19.55 -5.21
CA PHE A 492 38.11 19.34 -6.27
C PHE A 492 38.59 19.95 -7.57
N HIS A 493 39.54 20.89 -7.53
CA HIS A 493 40.10 21.42 -8.77
C HIS A 493 40.71 20.31 -9.60
N GLU A 494 41.42 19.39 -8.94
CA GLU A 494 41.95 18.22 -9.63
C GLU A 494 40.84 17.36 -10.20
N ILE A 495 39.76 17.15 -9.44
CA ILE A 495 38.66 16.35 -9.96
C ILE A 495 38.00 17.06 -11.14
N ILE A 496 37.77 18.36 -11.02
CA ILE A 496 37.15 19.09 -12.13
C ILE A 496 38.03 19.05 -13.38
N GLU A 497 39.35 19.24 -13.21
CA GLU A 497 40.27 19.13 -14.34
C GLU A 497 40.17 17.77 -15.03
N ASP A 498 40.33 16.69 -14.28
CA ASP A 498 40.26 15.35 -14.87
C ASP A 498 38.93 15.13 -15.57
N TRP A 499 37.84 15.60 -14.95
CA TRP A 499 36.52 15.48 -15.57
C TRP A 499 36.47 16.25 -16.89
N GLN A 500 37.07 17.44 -16.94
CA GLN A 500 37.10 18.22 -18.16
C GLN A 500 37.91 17.54 -19.26
N LYS A 501 39.04 16.93 -18.90
CA LYS A 501 39.80 16.14 -19.86
C LYS A 501 38.94 15.01 -20.41
N ARG A 502 38.11 14.42 -19.56
CA ARG A 502 37.20 13.37 -19.96
C ARG A 502 36.05 13.86 -20.84
N GLY A 503 35.97 15.17 -21.12
CA GLY A 503 34.88 15.72 -21.89
C GLY A 503 33.68 16.18 -21.08
N GLY A 504 33.75 16.14 -19.75
CA GLY A 504 32.63 16.56 -18.93
C GLY A 504 32.64 18.04 -18.61
N GLN A 505 31.48 18.53 -18.14
CA GLN A 505 31.35 19.90 -17.65
C GLN A 505 31.17 19.90 -16.12
N PRO A 506 31.67 20.91 -15.44
CA PRO A 506 31.63 20.89 -13.97
C PRO A 506 30.22 20.74 -13.40
N TRP A 507 29.21 21.34 -14.01
CA TRP A 507 27.86 21.23 -13.48
C TRP A 507 27.38 19.79 -13.43
N GLN A 508 27.98 18.91 -14.22
CA GLN A 508 27.63 17.50 -14.26
C GLN A 508 28.16 16.70 -13.06
N LEU A 509 28.83 17.34 -12.11
CA LEU A 509 29.32 16.68 -10.90
C LEU A 509 28.47 16.97 -9.66
N ILE A 510 27.37 17.69 -9.81
CA ILE A 510 26.57 18.15 -8.68
CA ILE A 510 26.56 18.15 -8.68
C ILE A 510 25.17 17.53 -8.78
N GLU A 511 24.62 17.13 -7.63
CA GLU A 511 23.26 16.62 -7.57
C GLU A 511 22.29 17.65 -8.17
N PRO A 512 21.51 17.30 -9.20
CA PRO A 512 20.67 18.31 -9.84
C PRO A 512 19.57 18.83 -8.98
N VAL A 513 18.98 18.01 -8.10
CA VAL A 513 17.81 18.47 -7.34
C VAL A 513 18.21 19.38 -6.19
N ASP A 514 19.27 19.04 -5.45
CA ASP A 514 19.64 19.91 -4.34
C ASP A 514 20.69 20.95 -4.71
N GLY A 515 21.38 20.81 -5.85
CA GLY A 515 22.33 21.83 -6.28
C GLY A 515 23.51 22.00 -5.36
N PHE A 516 23.84 20.97 -4.56
CA PHE A 516 24.74 21.12 -3.42
C PHE A 516 25.68 19.93 -3.26
N HIS A 517 25.16 18.73 -3.21
CA HIS A 517 26.02 17.58 -2.94
C HIS A 517 26.76 17.12 -4.18
N PRO A 518 27.98 16.62 -4.02
CA PRO A 518 28.59 15.87 -5.13
C PRO A 518 27.72 14.68 -5.49
N ASN A 519 27.59 14.42 -6.79
CA ASN A 519 26.77 13.31 -7.24
C ASN A 519 27.58 12.00 -7.25
N GLU A 520 27.02 10.93 -7.80
CA GLU A 520 27.68 9.63 -7.75
C GLU A 520 29.01 9.65 -8.50
N VAL A 521 29.02 10.24 -9.68
CA VAL A 521 30.27 10.42 -10.43
C VAL A 521 31.33 11.14 -9.61
N ALA A 522 31.00 12.30 -9.04
CA ALA A 522 31.99 13.05 -8.27
C ALA A 522 32.52 12.24 -7.09
N SER A 523 31.63 11.52 -6.42
CA SER A 523 32.01 10.73 -5.26
C SER A 523 33.02 9.64 -5.62
N LEU A 524 32.80 8.95 -6.76
CA LEU A 524 33.72 7.91 -7.22
C LEU A 524 35.05 8.49 -7.69
N LEU A 525 35.01 9.67 -8.35
CA LEU A 525 36.25 10.32 -8.75
C LEU A 525 37.07 10.71 -7.54
N GLN A 526 36.42 11.21 -6.49
CA GLN A 526 37.14 11.59 -5.27
C GLN A 526 37.72 10.36 -4.56
N ALA A 527 36.93 9.27 -4.47
CA ALA A 527 37.42 8.04 -3.84
C ALA A 527 38.62 7.49 -4.57
N ASN A 528 38.60 7.53 -5.90
CA ASN A 528 39.75 7.11 -6.72
C ASN A 528 40.99 7.93 -6.40
N ARG A 529 40.83 9.25 -6.24
CA ARG A 529 41.95 10.10 -5.88
C ARG A 529 42.52 9.73 -4.52
N VAL A 530 41.65 9.50 -3.53
CA VAL A 530 42.09 9.07 -2.21
C VAL A 530 42.85 7.75 -2.29
N TRP A 531 42.24 6.75 -2.94
CA TRP A 531 42.89 5.45 -3.08
C TRP A 531 44.29 5.60 -3.68
N GLU A 532 44.41 6.28 -4.82
CA GLU A 532 45.71 6.39 -5.47
C GLU A 532 46.73 7.11 -4.58
N LYS A 533 46.30 8.17 -3.90
CA LYS A 533 47.23 8.93 -3.08
C LYS A 533 47.73 8.11 -1.90
N ILE A 534 46.83 7.36 -1.26
CA ILE A 534 47.25 6.48 -0.16
C ILE A 534 48.10 5.34 -0.72
N GLN A 535 47.74 4.81 -1.88
CA GLN A 535 48.57 3.76 -2.47
C GLN A 535 49.98 4.26 -2.71
N LEU A 536 50.11 5.50 -3.17
CA LEU A 536 51.43 6.02 -3.50
C LEU A 536 52.25 6.30 -2.25
N GLN A 537 51.65 6.97 -1.26
CA GLN A 537 52.39 7.48 -0.12
C GLN A 537 52.41 6.52 1.06
N TRP A 538 51.32 5.80 1.30
CA TRP A 538 51.15 4.99 2.51
C TRP A 538 50.54 3.64 2.16
N PRO A 539 51.22 2.87 1.30
CA PRO A 539 50.63 1.62 0.80
C PRO A 539 50.26 0.63 1.90
N HIS A 540 50.91 0.66 3.06
CA HIS A 540 50.59 -0.27 4.14
C HIS A 540 49.16 -0.09 4.66
N VAL A 541 48.56 1.07 4.45
CA VAL A 541 47.19 1.29 4.89
C VAL A 541 46.22 0.36 4.16
N LEU A 542 46.50 0.03 2.90
CA LEU A 542 45.62 -0.78 2.07
C LEU A 542 45.98 -2.25 2.07
N GLY A 543 47.16 -2.60 2.57
CA GLY A 543 47.61 -3.98 2.56
C GLY A 543 48.05 -4.46 1.19
N LYS A 544 48.38 -5.74 1.15
CA LYS A 544 48.88 -6.37 -0.06
C LYS A 544 47.74 -7.11 -0.75
N GLU A 545 47.92 -7.36 -2.04
CA GLU A 545 46.99 -8.21 -2.76
C GLU A 545 47.07 -9.62 -2.22
N ASN A 546 45.94 -10.27 -2.08
CA ASN A 546 45.93 -11.63 -1.57
C ASN A 546 46.24 -12.60 -2.71
N PRO A 547 47.33 -13.37 -2.64
CA PRO A 547 47.63 -14.31 -3.74
C PRO A 547 46.63 -15.45 -3.88
N PHE A 548 45.76 -15.70 -2.90
CA PHE A 548 44.74 -16.73 -3.01
C PHE A 548 43.42 -16.22 -3.57
N ASN A 549 43.36 -14.96 -4.02
CA ASN A 549 42.11 -14.42 -4.55
C ASN A 549 41.51 -15.33 -5.61
N SER A 550 42.33 -15.81 -6.54
CA SER A 550 41.79 -16.66 -7.60
CA SER A 550 41.79 -16.66 -7.60
C SER A 550 41.24 -17.96 -7.03
N GLN A 551 41.93 -18.54 -6.05
CA GLN A 551 41.45 -19.78 -5.44
C GLN A 551 40.21 -19.54 -4.60
N ILE A 552 40.10 -18.37 -3.96
CA ILE A 552 38.87 -18.02 -3.26
C ILE A 552 37.70 -18.02 -4.24
N GLU A 553 37.89 -17.40 -5.40
CA GLU A 553 36.84 -17.37 -6.41
C GLU A 553 36.52 -18.78 -6.91
N GLU A 554 37.55 -19.59 -7.10
CA GLU A 554 37.36 -20.95 -7.60
C GLU A 554 36.47 -21.75 -6.66
N VAL A 555 36.73 -21.69 -5.36
CA VAL A 555 36.03 -22.53 -4.41
C VAL A 555 34.67 -21.93 -4.04
N PHE A 556 34.58 -20.59 -3.93
CA PHE A 556 33.43 -19.94 -3.33
C PHE A 556 32.68 -19.00 -4.28
N GLY A 557 33.13 -18.83 -5.51
CA GLY A 557 32.39 -18.00 -6.46
C GLY A 557 32.28 -16.58 -5.97
N ASP A 558 31.05 -16.07 -5.92
CA ASP A 558 30.74 -14.71 -5.48
C ASP A 558 30.71 -14.56 -3.97
N GLN A 559 31.09 -15.60 -3.22
CA GLN A 559 31.24 -15.55 -1.76
C GLN A 559 29.93 -15.22 -1.04
N GLY A 560 28.81 -15.56 -1.67
CA GLY A 560 27.51 -15.30 -1.11
C GLY A 560 26.88 -13.98 -1.50
N GLY A 561 27.60 -13.14 -2.24
CA GLY A 561 27.04 -11.87 -2.64
C GLY A 561 26.87 -10.91 -1.48
N HIS A 562 26.17 -9.82 -1.79
CA HIS A 562 25.90 -8.77 -0.81
C HIS A 562 24.43 -8.73 -0.42
N SER B 23 -20.56 -3.32 18.21
CA SER B 23 -21.44 -4.00 19.18
C SER B 23 -20.67 -5.12 19.92
N HIS B 24 -21.15 -5.48 21.12
CA HIS B 24 -20.55 -6.59 21.85
C HIS B 24 -20.58 -7.87 21.03
N GLY B 25 -21.73 -8.17 20.41
CA GLY B 25 -21.85 -9.39 19.63
C GLY B 25 -20.76 -9.51 18.60
N GLN B 26 -20.52 -8.42 17.87
CA GLN B 26 -19.52 -8.44 16.80
C GLN B 26 -18.11 -8.56 17.39
N SER B 27 -17.84 -7.88 18.51
CA SER B 27 -16.53 -8.02 19.14
CA SER B 27 -16.54 -8.02 19.14
CA SER B 27 -16.54 -8.01 19.15
C SER B 27 -16.33 -9.44 19.66
N CYS B 28 -17.38 -10.06 20.20
CA CYS B 28 -17.27 -11.43 20.68
C CYS B 28 -16.97 -12.38 19.53
N LEU B 29 -17.74 -12.28 18.44
CA LEU B 29 -17.56 -13.15 17.29
C LEU B 29 -16.16 -12.97 16.72
N GLY B 30 -15.73 -11.72 16.56
CA GLY B 30 -14.41 -11.46 16.01
C GLY B 30 -13.29 -12.06 16.85
N CYS B 31 -13.38 -11.90 18.17
CA CYS B 31 -12.36 -12.49 19.05
C CYS B 31 -12.38 -14.01 18.96
N VAL B 32 -13.58 -14.61 18.95
CA VAL B 32 -13.65 -16.07 18.97
C VAL B 32 -13.09 -16.63 17.68
N VAL B 33 -13.33 -15.96 16.56
CA VAL B 33 -12.80 -16.43 15.29
C VAL B 33 -11.28 -16.28 15.27
N LEU B 34 -10.78 -15.14 15.70
CA LEU B 34 -9.34 -14.87 15.63
CA LEU B 34 -9.34 -14.91 15.59
C LEU B 34 -8.55 -15.82 16.53
N VAL B 35 -9.04 -16.02 17.77
CA VAL B 35 -8.35 -16.90 18.68
C VAL B 35 -8.41 -18.34 18.18
N SER B 36 -9.54 -18.74 17.60
CA SER B 36 -9.68 -20.04 16.95
C SER B 36 -8.62 -20.27 15.88
N VAL B 37 -8.46 -19.30 14.98
CA VAL B 37 -7.52 -19.43 13.88
C VAL B 37 -6.10 -19.57 14.41
N ILE B 38 -5.75 -18.80 15.44
CA ILE B 38 -4.41 -18.89 16.02
C ILE B 38 -4.19 -20.29 16.58
N GLU B 39 -5.13 -20.76 17.38
CA GLU B 39 -5.03 -22.09 17.96
C GLU B 39 -4.88 -23.15 16.88
N GLN B 40 -5.70 -23.06 15.84
CA GLN B 40 -5.63 -24.02 14.76
C GLN B 40 -4.34 -23.89 13.95
N LEU B 41 -3.84 -22.67 13.76
CA LEU B 41 -2.57 -22.54 13.06
C LEU B 41 -1.44 -23.17 13.85
N ALA B 42 -1.47 -23.01 15.17
CA ALA B 42 -0.44 -23.65 15.99
C ALA B 42 -0.51 -25.17 15.84
N GLU B 43 -1.74 -25.72 15.79
CA GLU B 43 -1.91 -27.16 15.68
C GLU B 43 -1.45 -27.66 14.32
N VAL B 44 -1.88 -27.00 13.25
CA VAL B 44 -1.58 -27.43 11.89
C VAL B 44 -0.06 -27.43 11.63
N HIS B 45 0.66 -26.43 12.15
CA HIS B 45 2.10 -26.36 11.93
C HIS B 45 2.92 -26.88 13.10
N ASN B 46 2.27 -27.51 14.09
CA ASN B 46 2.93 -28.03 15.29
C ASN B 46 3.89 -26.99 15.88
N SER B 47 3.41 -25.75 15.99
CA SER B 47 4.22 -24.63 16.41
C SER B 47 3.75 -24.11 17.76
N SER B 48 4.56 -23.21 18.34
CA SER B 48 4.10 -22.46 19.48
C SER B 48 3.01 -21.48 19.05
N VAL B 49 2.32 -20.92 20.05
CA VAL B 49 1.31 -19.91 19.76
C VAL B 49 1.96 -18.66 19.23
N GLN B 50 3.13 -18.31 19.77
CA GLN B 50 3.84 -17.11 19.31
C GLN B 50 4.10 -17.20 17.82
N VAL B 51 4.62 -18.34 17.36
CA VAL B 51 4.89 -18.52 15.94
C VAL B 51 3.59 -18.48 15.14
N ALA B 52 2.51 -19.03 15.70
CA ALA B 52 1.24 -19.03 14.98
C ALA B 52 0.73 -17.61 14.78
N MET B 53 0.86 -16.76 15.80
CA MET B 53 0.42 -15.38 15.67
C MET B 53 1.25 -14.62 14.66
N GLU B 54 2.57 -14.81 14.70
CA GLU B 54 3.44 -14.19 13.70
C GLU B 54 3.11 -14.69 12.30
N ARG B 55 2.83 -15.98 12.19
CA ARG B 55 2.46 -16.55 10.91
C ARG B 55 1.17 -15.90 10.39
N LEU B 56 0.14 -15.79 11.23
CA LEU B 56 -1.10 -15.16 10.76
C LEU B 56 -0.83 -13.75 10.22
N CYS B 57 -0.07 -12.95 10.98
CA CYS B 57 0.19 -11.59 10.52
C CYS B 57 1.00 -11.56 9.24
N SER B 58 1.92 -12.52 9.05
CA SER B 58 2.69 -12.57 7.81
C SER B 58 1.80 -12.86 6.61
N TYR B 59 0.64 -13.47 6.81
CA TYR B 59 -0.26 -13.76 5.72
C TYR B 59 -1.08 -12.53 5.29
N LEU B 60 -1.22 -11.58 6.13
CA LEU B 60 -2.16 -10.51 5.85
C LEU B 60 -1.50 -9.42 5.02
N PRO B 61 -2.25 -8.76 4.13
CA PRO B 61 -1.64 -7.71 3.29
C PRO B 61 -1.30 -6.47 4.10
N GLU B 62 -0.35 -5.69 3.55
CA GLU B 62 -0.06 -4.38 4.12
C GLU B 62 -1.21 -3.41 3.89
N LYS B 63 -1.94 -3.56 2.77
CA LYS B 63 -3.05 -2.68 2.43
C LYS B 63 -4.03 -2.51 3.60
N LEU B 64 -4.61 -1.32 3.71
CA LEU B 64 -5.58 -0.99 4.74
C LEU B 64 -4.99 -1.18 6.14
N PHE B 65 -3.67 -1.18 6.25
CA PHE B 65 -3.00 -1.36 7.53
C PHE B 65 -3.37 -2.69 8.19
N LEU B 66 -3.78 -3.70 7.42
CA LEU B 66 -4.18 -5.00 8.00
C LEU B 66 -3.01 -5.70 8.68
N LYS B 67 -1.87 -5.81 8.00
CA LYS B 67 -0.72 -6.48 8.60
C LYS B 67 -0.24 -5.74 9.83
N THR B 68 -0.14 -4.41 9.72
CA THR B 68 0.32 -3.57 10.83
CA THR B 68 0.35 -3.62 10.84
C THR B 68 -0.62 -3.65 12.02
N ALA B 69 -1.93 -3.62 11.76
CA ALA B 69 -2.90 -3.80 12.83
C ALA B 69 -2.76 -5.17 13.47
N CYS B 70 -2.53 -6.21 12.67
CA CYS B 70 -2.30 -7.53 13.24
C CYS B 70 -1.12 -7.53 14.20
N TYR B 71 0.03 -6.97 13.78
CA TYR B 71 1.19 -7.00 14.66
C TYR B 71 0.96 -6.21 15.95
N PHE B 72 0.21 -5.12 15.87
CA PHE B 72 -0.16 -4.38 17.08
C PHE B 72 -1.03 -5.21 18.02
N LEU B 73 -2.04 -5.90 17.48
CA LEU B 73 -2.87 -6.73 18.33
C LEU B 73 -2.05 -7.83 18.99
N VAL B 74 -1.12 -8.44 18.26
CA VAL B 74 -0.23 -9.43 18.86
C VAL B 74 0.58 -8.80 19.98
N GLN B 75 1.11 -7.60 19.75
CA GLN B 75 1.83 -6.89 20.80
C GLN B 75 0.97 -6.71 22.04
N THR B 76 -0.26 -6.24 21.86
CA THR B 76 -1.14 -5.93 22.98
C THR B 76 -1.60 -7.18 23.71
N PHE B 77 -2.10 -8.19 22.97
CA PHE B 77 -2.78 -9.31 23.58
C PHE B 77 -1.98 -10.62 23.52
N GLY B 78 -0.87 -10.64 22.78
CA GLY B 78 -0.24 -11.91 22.47
C GLY B 78 0.16 -12.72 23.70
N SER B 79 0.77 -12.08 24.69
CA SER B 79 1.29 -12.83 25.83
C SER B 79 0.16 -13.44 26.65
N ASP B 80 -0.99 -12.75 26.77
CA ASP B 80 -2.17 -13.34 27.41
C ASP B 80 -2.71 -14.52 26.61
N ILE B 81 -2.81 -14.37 25.29
CA ILE B 81 -3.30 -15.47 24.46
C ILE B 81 -2.38 -16.68 24.59
N ILE B 82 -1.06 -16.45 24.62
CA ILE B 82 -0.11 -17.55 24.76
C ILE B 82 -0.36 -18.29 26.06
N LYS B 83 -0.49 -17.54 27.17
CA LYS B 83 -0.68 -18.17 28.47
C LYS B 83 -1.98 -18.97 28.53
N LEU B 84 -3.07 -18.42 27.98
CA LEU B 84 -4.36 -19.10 28.04
C LEU B 84 -4.41 -20.31 27.12
N LEU B 85 -3.94 -20.20 25.89
CA LEU B 85 -3.96 -21.37 25.00
C LEU B 85 -3.02 -22.47 25.47
N ASP B 86 -1.89 -22.13 26.11
CA ASP B 86 -1.01 -23.15 26.67
C ASP B 86 -1.64 -23.91 27.83
N GLU B 87 -2.69 -23.37 28.44
CA GLU B 87 -3.50 -24.06 29.42
C GLU B 87 -4.63 -24.84 28.79
N ALA B 88 -4.68 -24.91 27.46
CA ALA B 88 -5.71 -25.61 26.71
C ALA B 88 -7.09 -24.96 26.88
N MET B 89 -7.15 -23.66 27.16
CA MET B 89 -8.43 -22.97 27.16
C MET B 89 -8.89 -22.70 25.72
N LYS B 90 -10.19 -22.87 25.49
CA LYS B 90 -10.77 -22.69 24.18
C LYS B 90 -11.12 -21.22 23.97
N ALA B 91 -11.40 -20.86 22.71
CA ALA B 91 -11.52 -19.45 22.37
C ALA B 91 -12.69 -18.77 23.10
N ASP B 92 -13.72 -19.53 23.46
CA ASP B 92 -14.86 -18.97 24.18
C ASP B 92 -14.43 -18.37 25.50
N VAL B 93 -13.84 -19.20 26.37
CA VAL B 93 -13.38 -18.72 27.67
CA VAL B 93 -13.43 -18.68 27.67
C VAL B 93 -12.30 -17.67 27.51
N VAL B 94 -11.48 -17.77 26.46
CA VAL B 94 -10.43 -16.79 26.26
C VAL B 94 -11.04 -15.41 26.03
N CYS B 95 -12.03 -15.34 25.15
CA CYS B 95 -12.64 -14.06 24.77
C CYS B 95 -13.54 -13.48 25.86
N TYR B 96 -14.11 -14.30 26.72
CA TYR B 96 -14.78 -13.77 27.90
C TYR B 96 -13.78 -13.24 28.92
N ALA B 97 -12.65 -13.95 29.11
CA ALA B 97 -11.67 -13.51 30.08
C ALA B 97 -10.98 -12.22 29.63
N LEU B 98 -10.78 -12.07 28.31
CA LEU B 98 -10.25 -10.83 27.75
C LEU B 98 -11.30 -9.74 27.64
N GLU B 99 -12.56 -10.08 27.90
CA GLU B 99 -13.67 -9.14 27.93
C GLU B 99 -14.12 -8.67 26.55
N PHE B 100 -13.77 -9.40 25.48
CA PHE B 100 -14.40 -9.16 24.19
C PHE B 100 -15.83 -9.71 24.15
N CYS B 101 -16.10 -10.75 24.94
CA CYS B 101 -17.45 -11.23 25.15
C CYS B 101 -17.90 -10.85 26.54
N LYS B 102 -19.16 -10.48 26.67
CA LYS B 102 -19.72 -9.99 27.93
C LYS B 102 -20.89 -10.88 28.37
N ARG B 103 -21.03 -11.06 29.68
CA ARG B 103 -22.07 -11.94 30.23
C ARG B 103 -23.45 -11.43 29.83
N GLY B 104 -24.33 -12.36 29.45
CA GLY B 104 -25.60 -12.02 28.85
C GLY B 104 -26.78 -11.99 29.82
N ALA B 105 -27.96 -11.72 29.24
CA ALA B 105 -29.20 -11.61 30.01
C ALA B 105 -29.66 -12.97 30.53
N VAL B 106 -29.97 -13.90 29.61
CA VAL B 106 -30.33 -15.27 29.97
C VAL B 106 -29.09 -16.15 29.97
N GLN B 109 -23.79 -17.65 29.09
CA GLN B 109 -22.74 -17.30 28.15
C GLN B 109 -22.99 -17.95 26.77
N CYS B 110 -22.54 -17.28 25.73
CA CYS B 110 -22.51 -17.87 24.40
C CYS B 110 -21.20 -18.62 24.22
N HIS B 111 -21.23 -19.65 23.39
CA HIS B 111 -20.02 -20.42 23.10
C HIS B 111 -20.14 -21.09 21.73
N LEU B 112 -19.02 -21.15 21.03
CA LEU B 112 -18.95 -21.82 19.74
C LEU B 112 -18.46 -23.26 19.87
N TYR B 113 -17.53 -23.51 20.79
CA TYR B 113 -16.96 -24.83 21.05
C TYR B 113 -17.67 -25.46 22.24
N PRO B 114 -17.55 -26.77 22.41
CA PRO B 114 -18.20 -27.38 23.57
C PRO B 114 -17.76 -26.69 24.85
N LEU B 115 -18.70 -26.59 25.80
CA LEU B 115 -18.47 -25.84 27.02
C LEU B 115 -17.49 -26.60 27.92
N PRO B 116 -16.71 -25.88 28.73
CA PRO B 116 -15.83 -26.57 29.69
C PRO B 116 -16.67 -27.50 30.57
N GLN B 117 -16.10 -28.65 30.92
CA GLN B 117 -16.79 -29.65 31.73
C GLN B 117 -16.81 -29.33 33.21
N GLU B 118 -16.96 -28.06 33.54
CA GLU B 118 -17.01 -27.59 34.92
C GLU B 118 -17.94 -26.40 34.94
N ALA B 119 -18.27 -25.95 36.14
CA ALA B 119 -19.02 -24.72 36.27
C ALA B 119 -18.34 -23.64 35.43
N TRP B 120 -19.09 -23.06 34.50
CA TRP B 120 -18.55 -21.95 33.73
C TRP B 120 -17.76 -20.99 34.61
N GLU B 121 -18.34 -20.54 35.73
CA GLU B 121 -17.67 -19.54 36.54
C GLU B 121 -16.33 -20.06 37.09
N SER B 122 -16.21 -21.37 37.32
CA SER B 122 -14.91 -21.93 37.70
C SER B 122 -13.93 -21.88 36.55
N ALA B 123 -14.38 -22.23 35.34
CA ALA B 123 -13.54 -22.15 34.16
C ALA B 123 -13.08 -20.72 33.89
N LEU B 124 -14.00 -19.77 34.05
CA LEU B 124 -13.67 -18.37 33.82
C LEU B 124 -12.68 -17.89 34.86
N GLU B 125 -12.84 -18.32 36.11
CA GLU B 125 -11.91 -17.88 37.15
C GLU B 125 -10.53 -18.45 36.92
N LYS B 126 -10.44 -19.69 36.42
CA LYS B 126 -9.14 -20.25 36.04
C LYS B 126 -8.45 -19.37 35.01
N ALA B 127 -9.21 -18.92 34.01
CA ALA B 127 -8.65 -18.01 33.02
C ALA B 127 -8.21 -16.70 33.67
N ARG B 128 -9.06 -16.11 34.50
CA ARG B 128 -8.66 -14.89 35.21
C ARG B 128 -7.43 -15.12 36.09
N GLN B 129 -7.41 -16.22 36.85
CA GLN B 129 -6.22 -16.57 37.63
C GLN B 129 -4.97 -16.57 36.77
N VAL B 130 -5.07 -17.13 35.55
CA VAL B 130 -3.93 -17.18 34.67
C VAL B 130 -3.49 -15.78 34.29
N LEU B 131 -4.45 -14.88 34.02
CA LEU B 131 -4.12 -13.53 33.60
C LEU B 131 -3.60 -12.67 34.76
N ARG B 132 -3.80 -13.08 36.01
CA ARG B 132 -3.27 -12.31 37.15
C ARG B 132 -1.79 -12.55 37.39
N ARG B 133 -1.13 -13.33 36.55
CA ARG B 133 0.24 -13.81 36.77
C ARG B 133 0.18 -14.90 37.85
N ILE B 146 -10.39 5.73 15.52
CA ILE B 146 -9.42 6.09 14.49
C ILE B 146 -10.04 7.16 13.60
N CYS B 147 -11.33 7.00 13.32
CA CYS B 147 -12.02 7.99 12.52
C CYS B 147 -12.21 9.29 13.26
N SER B 148 -12.02 9.31 14.57
CA SER B 148 -12.09 10.55 15.32
C SER B 148 -10.86 11.41 15.13
N LEU B 149 -9.77 10.85 14.63
CA LEU B 149 -8.60 11.66 14.34
C LEU B 149 -8.97 12.77 13.37
N PRO B 150 -8.67 14.03 13.68
CA PRO B 150 -9.24 15.13 12.89
C PRO B 150 -8.90 15.08 11.42
N PHE B 151 -7.73 14.57 11.03
CA PHE B 151 -7.39 14.52 9.62
C PHE B 151 -8.15 13.41 8.88
N LEU B 152 -8.89 12.58 9.59
CA LEU B 152 -9.66 11.52 8.98
C LEU B 152 -11.17 11.69 9.09
N THR B 153 -11.67 12.61 9.94
CA THR B 153 -13.10 12.60 10.24
C THR B 153 -13.93 12.89 8.99
N LYS B 154 -13.53 13.88 8.18
CA LYS B 154 -14.29 14.21 6.98
C LYS B 154 -14.37 13.01 6.05
N ILE B 155 -13.23 12.39 5.74
CA ILE B 155 -13.22 11.29 4.80
C ILE B 155 -14.01 10.11 5.35
N CYS B 156 -13.89 9.85 6.65
CA CYS B 156 -14.70 8.79 7.26
C CYS B 156 -16.19 9.08 7.13
N GLN B 157 -16.59 10.33 7.37
CA GLN B 157 -17.99 10.69 7.22
C GLN B 157 -18.46 10.47 5.79
N LYS B 158 -17.64 10.85 4.81
CA LYS B 158 -18.05 10.69 3.43
C LYS B 158 -18.12 9.22 3.04
N ILE B 159 -17.22 8.40 3.57
CA ILE B 159 -17.28 6.97 3.27
C ILE B 159 -18.52 6.35 3.89
N GLU B 160 -18.78 6.66 5.15
CA GLU B 160 -19.98 6.18 5.82
C GLU B 160 -21.24 6.56 5.04
N LEU B 161 -21.32 7.83 4.62
CA LEU B 161 -22.50 8.32 3.90
C LEU B 161 -22.64 7.65 2.54
N SER B 162 -21.53 7.43 1.85
CA SER B 162 -21.61 6.76 0.56
CA SER B 162 -21.57 6.74 0.56
C SER B 162 -22.06 5.31 0.73
N ILE B 163 -21.64 4.65 1.80
CA ILE B 163 -22.11 3.30 2.06
C ILE B 163 -23.60 3.31 2.40
N LYS B 164 -24.01 4.23 3.28
CA LYS B 164 -25.41 4.29 3.72
C LYS B 164 -26.35 4.58 2.56
N LYS B 165 -25.97 5.53 1.70
CA LYS B 165 -26.78 5.88 0.54
CA LYS B 165 -26.79 5.87 0.55
C LYS B 165 -26.60 4.90 -0.62
N ALA B 166 -25.60 4.01 -0.54
CA ALA B 166 -25.32 3.02 -1.59
C ALA B 166 -24.94 3.70 -2.90
N VAL B 167 -24.10 4.72 -2.82
CA VAL B 167 -23.61 5.44 -3.99
C VAL B 167 -22.09 5.49 -3.90
N PRO B 168 -21.39 5.62 -5.02
CA PRO B 168 -19.92 5.54 -5.00
C PRO B 168 -19.26 6.67 -4.24
N PHE B 169 -18.23 6.31 -3.48
CA PHE B 169 -17.44 7.30 -2.76
C PHE B 169 -16.65 8.19 -3.71
N LYS B 170 -16.10 7.61 -4.77
CA LYS B 170 -15.35 8.39 -5.76
C LYS B 170 -16.26 8.61 -6.96
N ASP B 171 -16.62 9.86 -7.20
CA ASP B 171 -17.67 10.19 -8.16
C ASP B 171 -17.73 11.71 -8.34
N VAL B 172 -16.78 12.26 -9.10
CA VAL B 172 -16.60 13.71 -9.09
C VAL B 172 -17.82 14.42 -9.68
N ASP B 173 -18.42 13.85 -10.71
CA ASP B 173 -19.57 14.47 -11.38
C ASP B 173 -20.91 14.03 -10.82
N SER B 174 -20.91 13.23 -9.76
CA SER B 174 -22.12 12.84 -9.04
C SER B 174 -23.14 12.12 -9.92
N ASP B 175 -22.72 11.43 -10.98
CA ASP B 175 -23.68 10.65 -11.76
C ASP B 175 -23.89 9.23 -11.23
N LYS B 176 -23.26 8.87 -10.12
CA LYS B 176 -23.38 7.57 -9.44
C LYS B 176 -22.62 6.47 -10.17
N HIS B 177 -21.79 6.80 -11.17
CA HIS B 177 -20.87 5.85 -11.75
C HIS B 177 -19.43 6.30 -11.46
N SER B 178 -18.55 5.34 -11.26
CA SER B 178 -17.24 5.63 -10.68
C SER B 178 -16.13 5.12 -11.57
N VAL B 179 -14.93 5.64 -11.32
CA VAL B 179 -13.72 5.10 -11.94
C VAL B 179 -12.98 4.16 -11.01
N PHE B 180 -13.42 4.06 -9.70
CA PHE B 180 -12.89 3.23 -8.63
C PHE B 180 -13.71 1.95 -8.49
N PRO B 181 -13.13 0.77 -8.26
CA PRO B 181 -13.96 -0.45 -8.26
C PRO B 181 -14.83 -0.62 -7.03
N THR B 182 -14.32 -0.33 -5.82
CA THR B 182 -15.06 -0.64 -4.61
C THR B 182 -15.66 0.63 -4.04
N LEU B 183 -16.04 0.59 -2.76
CA LEU B 183 -16.78 1.69 -2.14
C LEU B 183 -17.91 2.15 -3.07
N ARG B 184 -18.71 1.17 -3.50
CA ARG B 184 -19.89 1.33 -4.34
C ARG B 184 -19.54 1.80 -5.76
N GLY B 185 -18.33 1.51 -6.22
CA GLY B 185 -17.88 1.86 -7.55
C GLY B 185 -18.22 0.86 -8.63
N TYR B 186 -17.31 0.62 -9.57
CA TYR B 186 -17.74 -0.05 -10.80
C TYR B 186 -17.84 -1.56 -10.64
N HIS B 187 -17.46 -2.12 -9.49
CA HIS B 187 -17.90 -3.49 -9.19
C HIS B 187 -19.43 -3.57 -9.13
N TRP B 188 -20.10 -2.45 -8.86
CA TRP B 188 -21.53 -2.37 -8.63
C TRP B 188 -22.34 -1.86 -9.82
N ARG B 189 -21.77 -0.96 -10.63
CA ARG B 189 -22.42 -0.45 -11.83
C ARG B 189 -21.35 -0.16 -12.88
N GLY B 190 -21.79 -0.03 -14.12
CA GLY B 190 -20.86 0.21 -15.21
C GLY B 190 -19.90 1.35 -14.91
N ARG B 191 -18.64 1.17 -15.30
CA ARG B 191 -17.60 2.15 -15.05
C ARG B 191 -17.89 3.45 -15.80
N ASP B 192 -17.70 4.59 -15.11
CA ASP B 192 -17.88 5.91 -15.70
C ASP B 192 -16.71 6.21 -16.64
N CYS B 193 -16.98 6.34 -17.93
CA CYS B 193 -15.92 6.60 -18.89
C CYS B 193 -15.46 8.07 -18.91
N ASN B 194 -16.22 8.98 -18.30
CA ASN B 194 -15.77 10.36 -18.10
C ASN B 194 -16.37 10.84 -16.77
N ASP B 195 -15.56 10.84 -15.71
CA ASP B 195 -16.02 11.26 -14.39
C ASP B 195 -15.97 12.78 -14.21
N SER B 196 -15.76 13.54 -15.30
CA SER B 196 -15.88 14.98 -15.29
C SER B 196 -17.10 15.46 -16.07
N ASP B 197 -18.09 14.59 -16.26
CA ASP B 197 -19.25 14.91 -17.10
C ASP B 197 -20.45 14.10 -16.61
N LYS B 198 -21.36 14.76 -15.88
CA LYS B 198 -22.53 14.04 -15.37
C LYS B 198 -23.50 13.62 -16.45
N THR B 199 -23.26 13.98 -17.70
CA THR B 199 -24.09 13.52 -18.80
C THR B 199 -23.43 12.39 -19.60
N VAL B 200 -22.27 11.92 -19.16
CA VAL B 200 -21.62 10.74 -19.73
C VAL B 200 -21.62 9.68 -18.64
N TYR B 201 -22.28 8.55 -18.95
CA TYR B 201 -22.39 7.39 -18.07
C TYR B 201 -23.10 6.24 -18.80
N PRO B 202 -22.94 4.99 -18.33
CA PRO B 202 -23.64 3.87 -18.97
C PRO B 202 -25.15 3.96 -18.88
N GLY B 203 -25.82 3.56 -19.95
CA GLY B 203 -27.26 3.48 -19.98
C GLY B 203 -27.95 4.64 -20.68
N ARG B 204 -27.22 5.70 -20.98
CA ARG B 204 -27.77 6.89 -21.61
C ARG B 204 -28.06 6.62 -23.09
N ARG B 205 -29.13 7.22 -23.61
CA ARG B 205 -29.27 7.26 -25.06
C ARG B 205 -28.17 8.13 -25.64
N PRO B 206 -27.56 7.73 -26.76
CA PRO B 206 -26.37 8.44 -27.23
C PRO B 206 -26.70 9.86 -27.67
N ASP B 207 -25.84 10.79 -27.26
CA ASP B 207 -25.97 12.19 -27.64
C ASP B 207 -25.43 12.36 -29.04
N ASN B 208 -26.30 12.71 -29.98
CA ASN B 208 -25.93 12.91 -31.39
C ASN B 208 -25.21 11.68 -31.93
N TRP B 209 -25.69 10.50 -31.51
CA TRP B 209 -25.18 9.22 -31.97
C TRP B 209 -23.69 9.07 -31.67
N ASP B 210 -23.22 9.73 -30.62
CA ASP B 210 -21.85 9.61 -30.16
C ASP B 210 -20.87 9.77 -31.32
N ILE B 211 -21.02 10.88 -32.05
CA ILE B 211 -20.13 11.14 -33.18
C ILE B 211 -18.74 11.54 -32.68
N HIS B 212 -18.68 12.39 -31.66
CA HIS B 212 -17.42 12.87 -31.13
C HIS B 212 -17.08 12.34 -29.75
N GLN B 213 -18.04 11.74 -29.04
CA GLN B 213 -17.84 11.36 -27.66
C GLN B 213 -18.63 10.10 -27.38
N ASP B 214 -18.04 9.17 -26.62
CA ASP B 214 -18.78 7.97 -26.20
C ASP B 214 -19.59 8.31 -24.96
N SER B 215 -20.78 8.86 -25.18
CA SER B 215 -21.54 9.42 -24.07
C SER B 215 -22.19 8.36 -23.20
N ASN B 216 -22.41 7.14 -23.69
CA ASN B 216 -23.04 6.08 -22.93
C ASN B 216 -22.08 4.93 -22.59
N CYS B 217 -20.78 5.17 -22.74
CA CYS B 217 -19.72 4.31 -22.20
C CYS B 217 -19.79 2.88 -22.72
N ASN B 218 -20.49 2.62 -23.82
CA ASN B 218 -20.50 1.28 -24.39
C ASN B 218 -19.35 1.06 -25.38
N GLY B 219 -18.40 1.98 -25.47
CA GLY B 219 -17.27 1.83 -26.34
C GLY B 219 -17.51 2.05 -27.82
N ILE B 220 -18.74 2.33 -28.24
CA ILE B 220 -19.11 2.58 -29.63
C ILE B 220 -19.24 4.08 -29.84
N TRP B 221 -18.53 4.62 -30.83
CA TRP B 221 -18.61 6.05 -31.10
C TRP B 221 -17.93 6.29 -32.45
N GLY B 222 -17.94 7.55 -32.87
CA GLY B 222 -17.23 7.94 -34.07
C GLY B 222 -18.06 7.77 -35.32
N ILE B 223 -17.41 7.98 -36.46
CA ILE B 223 -18.06 7.90 -37.76
C ILE B 223 -17.35 6.87 -38.63
N ASP B 224 -18.13 6.10 -39.37
CA ASP B 224 -17.61 5.16 -40.34
C ASP B 224 -17.20 5.92 -41.60
N PRO B 225 -15.93 5.96 -41.97
CA PRO B 225 -15.53 6.78 -43.13
C PRO B 225 -16.09 6.29 -44.47
N LYS B 226 -16.34 4.99 -44.63
CA LYS B 226 -16.79 4.50 -45.93
C LYS B 226 -18.09 5.17 -46.37
N ASP B 227 -18.99 5.46 -45.43
CA ASP B 227 -20.29 6.03 -45.76
C ASP B 227 -20.68 7.22 -44.88
N GLY B 228 -19.80 7.68 -44.00
CA GLY B 228 -20.10 8.81 -43.15
C GLY B 228 -21.19 8.59 -42.12
N ILE B 229 -21.60 7.34 -41.88
CA ILE B 229 -22.69 7.05 -40.96
C ILE B 229 -22.10 6.81 -39.56
N PRO B 230 -22.64 7.43 -38.50
CA PRO B 230 -22.10 7.17 -37.17
C PRO B 230 -22.18 5.69 -36.82
N TYR B 231 -21.13 5.20 -36.15
CA TYR B 231 -21.06 3.78 -35.78
C TYR B 231 -22.22 3.39 -34.86
N GLU B 232 -22.51 4.20 -33.85
CA GLU B 232 -23.59 3.83 -32.92
C GLU B 232 -24.95 3.88 -33.62
N LYS B 233 -25.11 4.69 -34.66
CA LYS B 233 -26.39 4.69 -35.36
C LYS B 233 -26.57 3.41 -36.17
N LYS B 234 -25.57 3.01 -36.95
CA LYS B 234 -25.77 1.83 -37.78
C LYS B 234 -25.74 0.55 -36.94
N PHE B 235 -24.91 0.51 -35.90
CA PHE B 235 -24.78 -0.72 -35.11
C PHE B 235 -25.85 -0.87 -34.03
N CYS B 236 -26.45 0.24 -33.58
CA CYS B 236 -27.33 0.18 -32.42
C CYS B 236 -28.73 0.75 -32.65
N GLU B 237 -28.96 1.53 -33.71
CA GLU B 237 -30.31 2.02 -33.95
C GLU B 237 -31.23 0.85 -34.25
N GLY B 238 -32.39 0.84 -33.60
CA GLY B 238 -33.31 -0.26 -33.77
C GLY B 238 -32.99 -1.53 -33.01
N SER B 239 -31.81 -1.62 -32.37
CA SER B 239 -31.43 -2.83 -31.64
C SER B 239 -32.08 -2.92 -30.25
N GLN B 240 -32.74 -1.85 -29.81
CA GLN B 240 -33.48 -1.78 -28.55
C GLN B 240 -32.60 -2.14 -27.35
N PRO B 241 -31.54 -1.38 -27.11
CA PRO B 241 -30.69 -1.66 -25.94
C PRO B 241 -31.46 -1.50 -24.65
N ARG B 242 -31.01 -2.22 -23.62
CA ARG B 242 -31.63 -2.14 -22.31
C ARG B 242 -30.58 -2.47 -21.26
N GLY B 243 -30.78 -1.95 -20.06
CA GLY B 243 -29.90 -2.22 -18.96
C GLY B 243 -30.43 -3.33 -18.10
N ILE B 244 -29.56 -3.87 -17.26
CA ILE B 244 -29.98 -4.79 -16.21
C ILE B 244 -29.78 -4.08 -14.88
N ILE B 245 -30.84 -4.06 -14.08
CA ILE B 245 -30.86 -3.42 -12.77
C ILE B 245 -31.34 -4.45 -11.75
N LEU B 246 -30.52 -4.73 -10.74
CA LEU B 246 -30.92 -5.58 -9.63
C LEU B 246 -31.34 -4.72 -8.44
N LEU B 247 -32.52 -4.99 -7.91
CA LEU B 247 -32.95 -4.49 -6.60
C LEU B 247 -32.85 -5.68 -5.66
N GLY B 248 -31.80 -5.73 -4.84
CA GLY B 248 -31.43 -6.98 -4.20
C GLY B 248 -30.93 -6.81 -2.79
N ASP B 249 -30.62 -7.96 -2.18
CA ASP B 249 -30.09 -8.08 -0.85
C ASP B 249 -28.68 -8.68 -0.92
N ALA B 250 -28.20 -9.25 0.18
CA ALA B 250 -26.84 -9.77 0.21
C ALA B 250 -26.64 -10.92 -0.76
N ALA B 251 -27.66 -11.75 -0.96
CA ALA B 251 -27.51 -12.85 -1.91
C ALA B 251 -27.39 -12.30 -3.32
N GLY B 252 -28.15 -11.27 -3.66
CA GLY B 252 -28.06 -10.69 -4.98
C GLY B 252 -26.72 -10.01 -5.24
N ALA B 253 -26.15 -9.39 -4.21
CA ALA B 253 -24.84 -8.78 -4.25
C ALA B 253 -23.71 -9.78 -4.03
N HIS B 254 -24.05 -11.04 -3.82
CA HIS B 254 -23.09 -12.13 -3.61
C HIS B 254 -22.14 -11.85 -2.43
N PHE B 255 -22.75 -11.74 -1.25
CA PHE B 255 -21.99 -11.76 -0.01
C PHE B 255 -21.20 -13.07 0.09
N HIS B 256 -19.91 -12.96 0.36
CA HIS B 256 -19.06 -14.15 0.36
C HIS B 256 -17.83 -13.90 1.23
N ILE B 257 -17.67 -14.70 2.28
CA ILE B 257 -16.45 -14.74 3.08
C ILE B 257 -15.65 -15.96 2.63
N PRO B 258 -14.53 -15.80 1.94
CA PRO B 258 -13.73 -16.96 1.53
C PRO B 258 -13.43 -17.87 2.71
N PRO B 259 -13.73 -19.17 2.62
CA PRO B 259 -13.43 -20.06 3.75
C PRO B 259 -11.94 -20.15 4.04
N GLU B 260 -11.11 -19.84 3.03
CA GLU B 260 -9.65 -19.78 3.19
C GLU B 260 -9.23 -18.79 4.25
N TRP B 261 -10.03 -17.74 4.48
CA TRP B 261 -9.68 -16.78 5.51
C TRP B 261 -9.78 -17.38 6.92
N LEU B 262 -10.48 -18.49 7.06
CA LEU B 262 -10.82 -19.03 8.38
C LEU B 262 -10.33 -20.45 8.60
N THR B 263 -9.78 -21.10 7.60
CA THR B 263 -9.40 -22.51 7.68
CA THR B 263 -9.39 -22.51 7.69
C THR B 263 -7.87 -22.58 7.73
N ALA B 264 -7.32 -22.73 8.94
CA ALA B 264 -5.87 -22.73 9.13
C ALA B 264 -5.19 -23.75 8.24
N SER B 265 -5.81 -24.93 8.09
CA SER B 265 -5.14 -26.03 7.41
C SER B 265 -4.75 -25.66 5.98
N GLN B 266 -5.40 -24.70 5.37
CA GLN B 266 -5.10 -24.38 3.98
C GLN B 266 -4.87 -22.87 3.80
N MET B 267 -4.30 -22.22 4.82
CA MET B 267 -4.10 -20.78 4.83
C MET B 267 -2.70 -20.44 4.35
N SER B 268 -2.56 -19.33 3.63
CA SER B 268 -1.27 -18.88 3.12
C SER B 268 -1.32 -17.39 2.83
N VAL B 269 -0.19 -16.83 2.38
CA VAL B 269 -0.19 -15.42 2.02
C VAL B 269 -1.18 -15.15 0.90
N ASN B 270 -1.41 -16.14 0.04
CA ASN B 270 -2.32 -15.93 -1.08
C ASN B 270 -3.79 -15.97 -0.65
N SER B 271 -4.08 -16.56 0.51
CA SER B 271 -5.45 -16.63 1.02
C SER B 271 -6.08 -15.24 1.17
N PHE B 272 -5.29 -14.24 1.54
CA PHE B 272 -5.83 -12.97 2.00
C PHE B 272 -5.59 -11.81 1.02
N LEU B 273 -5.18 -12.11 -0.21
CA LEU B 273 -4.88 -11.02 -1.14
C LEU B 273 -6.12 -10.20 -1.47
N ASN B 274 -7.30 -10.82 -1.43
CA ASN B 274 -8.56 -10.18 -1.75
C ASN B 274 -9.24 -9.53 -0.54
N LEU B 275 -8.63 -9.59 0.64
CA LEU B 275 -9.30 -9.11 1.84
C LEU B 275 -9.55 -7.61 1.81
N PRO B 276 -8.58 -6.75 1.47
CA PRO B 276 -8.86 -5.30 1.50
C PRO B 276 -9.94 -4.89 0.51
N SER B 277 -9.91 -5.48 -0.67
CA SER B 277 -10.93 -5.24 -1.67
C SER B 277 -12.31 -5.65 -1.16
N ALA B 278 -12.42 -6.89 -0.64
CA ALA B 278 -13.70 -7.39 -0.16
C ALA B 278 -14.23 -6.53 0.97
N LEU B 279 -13.36 -6.12 1.88
CA LEU B 279 -13.80 -5.26 2.96
C LEU B 279 -14.41 -3.97 2.44
N THR B 280 -13.79 -3.36 1.42
CA THR B 280 -14.30 -2.08 0.93
C THR B 280 -15.51 -2.25 0.02
N ASP B 281 -15.88 -3.50 -0.29
CA ASP B 281 -17.11 -3.85 -0.97
C ASP B 281 -18.15 -4.43 -0.02
N GLU B 282 -17.99 -4.23 1.30
CA GLU B 282 -18.99 -4.65 2.27
C GLU B 282 -19.13 -6.18 2.31
N LEU B 283 -18.04 -6.88 1.93
CA LEU B 283 -17.97 -8.33 1.78
C LEU B 283 -18.90 -8.86 0.71
N ASN B 284 -19.35 -7.99 -0.18
CA ASN B 284 -20.09 -8.41 -1.37
C ASN B 284 -19.15 -8.49 -2.54
N TRP B 285 -19.57 -9.26 -3.54
CA TRP B 285 -18.80 -9.44 -4.77
C TRP B 285 -19.76 -9.33 -5.94
N PRO B 286 -20.40 -8.17 -6.12
CA PRO B 286 -21.39 -8.05 -7.20
C PRO B 286 -20.78 -8.29 -8.57
N GLN B 287 -19.49 -8.01 -8.73
CA GLN B 287 -18.81 -8.25 -10.00
C GLN B 287 -18.72 -9.74 -10.38
N LEU B 288 -19.06 -10.64 -9.46
CA LEU B 288 -19.15 -12.08 -9.74
C LEU B 288 -20.57 -12.63 -9.50
N SER B 289 -21.56 -11.76 -9.39
CA SER B 289 -22.92 -12.19 -9.07
C SER B 289 -23.61 -12.76 -10.30
N GLY B 290 -24.66 -13.51 -10.02
CA GLY B 290 -25.44 -14.15 -11.06
C GLY B 290 -26.20 -13.17 -11.95
N VAL B 291 -26.57 -12.01 -11.42
CA VAL B 291 -27.33 -11.03 -12.20
C VAL B 291 -26.43 -9.98 -12.84
N THR B 292 -25.49 -9.41 -12.08
CA THR B 292 -24.74 -8.27 -12.58
C THR B 292 -23.25 -8.56 -12.74
N GLY B 293 -22.82 -9.82 -12.58
CA GLY B 293 -21.41 -10.12 -12.67
C GLY B 293 -20.87 -9.84 -14.06
N PHE B 294 -19.61 -9.41 -14.10
CA PHE B 294 -18.94 -9.20 -15.36
C PHE B 294 -17.54 -9.79 -15.44
N LEU B 295 -17.00 -10.34 -14.36
CA LEU B 295 -15.72 -11.03 -14.36
C LEU B 295 -15.94 -12.50 -14.66
N ASP B 296 -14.86 -13.17 -15.04
CA ASP B 296 -14.96 -14.61 -15.30
C ASP B 296 -15.16 -15.36 -14.00
N SER B 297 -15.96 -16.42 -14.07
CA SER B 297 -16.38 -17.14 -12.86
CA SER B 297 -16.38 -17.12 -12.86
C SER B 297 -15.22 -17.87 -12.21
N THR B 298 -15.24 -17.88 -10.88
CA THR B 298 -14.25 -18.62 -10.10
C THR B 298 -14.40 -20.12 -10.33
N SER B 299 -15.61 -20.65 -10.16
CA SER B 299 -15.89 -22.07 -10.30
C SER B 299 -15.53 -22.62 -11.66
N GLY B 300 -15.33 -21.77 -12.65
CA GLY B 300 -15.16 -22.24 -14.01
C GLY B 300 -16.40 -22.79 -14.67
N ILE B 301 -17.50 -23.04 -13.93
CA ILE B 301 -18.71 -23.50 -14.61
C ILE B 301 -19.02 -22.49 -15.70
N GLU B 302 -19.81 -22.93 -16.67
CA GLU B 302 -19.96 -22.18 -17.91
C GLU B 302 -21.08 -21.17 -17.86
N GLU B 303 -21.99 -21.28 -16.90
CA GLU B 303 -23.12 -20.37 -16.84
C GLU B 303 -22.64 -18.93 -16.62
N LYS B 304 -23.22 -18.00 -17.37
CA LYS B 304 -22.86 -16.59 -17.30
C LYS B 304 -23.98 -15.81 -16.62
N SER B 305 -23.63 -14.61 -16.15
CA SER B 305 -24.58 -13.74 -15.49
C SER B 305 -25.63 -13.21 -16.47
N ILE B 306 -26.73 -12.69 -15.90
CA ILE B 306 -27.76 -12.05 -16.72
C ILE B 306 -27.13 -10.91 -17.53
N TYR B 307 -26.22 -10.15 -16.92
CA TYR B 307 -25.63 -9.05 -17.66
C TYR B 307 -24.80 -9.56 -18.82
N HIS B 308 -24.00 -10.61 -18.59
CA HIS B 308 -23.16 -11.12 -19.67
CA HIS B 308 -23.16 -11.16 -19.65
C HIS B 308 -24.00 -11.68 -20.81
N ARG B 309 -25.13 -12.31 -20.49
CA ARG B 309 -26.03 -12.82 -21.52
C ARG B 309 -26.68 -11.70 -22.32
N LEU B 310 -27.07 -10.63 -21.64
CA LEU B 310 -27.68 -9.49 -22.32
C LEU B 310 -26.66 -8.77 -23.20
N ARG B 311 -25.43 -8.61 -22.71
CA ARG B 311 -24.38 -8.00 -23.52
C ARG B 311 -24.03 -8.86 -24.72
N LYS B 312 -24.07 -10.18 -24.54
CA LYS B 312 -23.78 -11.08 -25.64
C LYS B 312 -24.89 -11.02 -26.68
N ARG B 313 -26.12 -10.83 -26.23
CA ARG B 313 -27.24 -10.75 -27.16
C ARG B 313 -27.18 -9.44 -27.96
N ASN B 314 -26.79 -8.35 -27.32
CA ASN B 314 -26.70 -7.03 -27.96
C ASN B 314 -25.51 -6.30 -27.36
N HIS B 315 -24.41 -6.22 -28.09
CA HIS B 315 -23.19 -5.59 -27.58
C HIS B 315 -23.38 -4.09 -27.30
N CYS B 316 -24.42 -3.47 -27.82
CA CYS B 316 -24.68 -2.08 -27.43
C CYS B 316 -24.95 -1.94 -25.93
N ASN B 317 -25.19 -3.05 -25.22
CA ASN B 317 -25.48 -2.99 -23.79
C ASN B 317 -24.24 -3.05 -22.92
N HIS B 318 -23.05 -3.05 -23.52
CA HIS B 318 -21.80 -3.08 -22.77
C HIS B 318 -21.81 -2.04 -21.66
N ARG B 319 -21.52 -2.50 -20.44
CA ARG B 319 -21.44 -1.73 -19.19
C ARG B 319 -22.78 -1.30 -18.62
N ASP B 320 -23.91 -1.66 -19.22
CA ASP B 320 -25.20 -1.20 -18.68
C ASP B 320 -25.75 -2.18 -17.63
N TYR B 321 -25.07 -2.20 -16.48
CA TYR B 321 -25.47 -2.98 -15.32
C TYR B 321 -25.44 -2.09 -14.08
N GLN B 322 -26.36 -2.35 -13.15
CA GLN B 322 -26.37 -1.72 -11.84
C GLN B 322 -26.88 -2.73 -10.83
N SER B 323 -26.12 -2.94 -9.76
CA SER B 323 -26.58 -3.69 -8.59
C SER B 323 -27.02 -2.74 -7.48
N ILE B 324 -28.33 -2.52 -7.38
CA ILE B 324 -28.91 -1.68 -6.32
C ILE B 324 -29.30 -2.64 -5.20
N SER B 325 -28.28 -3.06 -4.45
CA SER B 325 -28.39 -4.15 -3.49
CA SER B 325 -28.42 -4.13 -3.48
C SER B 325 -27.67 -3.78 -2.21
N LYS B 326 -28.19 -4.26 -1.08
CA LYS B 326 -27.59 -4.03 0.23
C LYS B 326 -27.81 -5.25 1.13
N ASN B 327 -26.78 -5.56 1.91
CA ASN B 327 -26.90 -6.50 3.01
C ASN B 327 -28.06 -6.07 3.90
N GLY B 328 -28.96 -7.00 4.17
CA GLY B 328 -30.10 -6.76 5.02
C GLY B 328 -31.31 -6.21 4.32
N ALA B 329 -31.24 -5.95 3.01
CA ALA B 329 -32.37 -5.37 2.31
C ALA B 329 -33.59 -6.29 2.33
N SER B 330 -34.76 -5.67 2.48
CA SER B 330 -36.05 -6.33 2.45
C SER B 330 -37.05 -5.41 1.77
N SER B 331 -38.27 -5.92 1.57
CA SER B 331 -39.31 -5.04 1.04
C SER B 331 -39.55 -3.87 1.96
N ARG B 332 -39.29 -4.05 3.26
CA ARG B 332 -39.55 -3.01 4.25
C ARG B 332 -38.58 -1.84 4.14
N ASN B 333 -37.32 -2.09 3.83
CA ASN B 333 -36.32 -1.02 3.91
C ASN B 333 -35.72 -0.64 2.56
N LEU B 334 -36.15 -1.24 1.46
CA LEU B 334 -35.62 -0.83 0.16
C LEU B 334 -35.84 0.66 -0.10
N LYS B 335 -36.95 1.21 0.38
CA LYS B 335 -37.19 2.63 0.19
C LYS B 335 -36.06 3.48 0.78
N ASN B 336 -35.28 2.94 1.73
CA ASN B 336 -34.23 3.74 2.33
C ASN B 336 -33.02 3.90 1.44
N PHE B 337 -32.87 3.09 0.36
CA PHE B 337 -31.75 3.31 -0.54
C PHE B 337 -32.11 3.24 -2.01
N ILE B 338 -33.38 3.07 -2.36
CA ILE B 338 -33.76 2.98 -3.76
C ILE B 338 -33.47 4.28 -4.53
N GLU B 339 -33.34 5.42 -3.84
CA GLU B 339 -32.91 6.61 -4.56
C GLU B 339 -31.53 6.45 -5.17
N SER B 340 -30.74 5.46 -4.72
CA SER B 340 -29.43 5.27 -5.28
C SER B 340 -29.48 4.84 -6.73
N LEU B 341 -30.62 4.36 -7.18
CA LEU B 341 -30.76 3.91 -8.56
C LEU B 341 -30.49 5.08 -9.50
N SER B 342 -29.87 4.80 -10.62
CA SER B 342 -29.55 5.84 -11.60
C SER B 342 -30.20 5.46 -12.91
N ARG B 343 -31.36 6.05 -13.18
CA ARG B 343 -32.00 5.92 -14.49
C ARG B 343 -32.85 7.16 -14.72
N ASN B 344 -32.48 7.91 -15.76
CA ASN B 344 -33.16 9.15 -16.12
C ASN B 344 -34.29 8.82 -17.09
N GLN B 345 -35.53 9.03 -16.66
CA GLN B 345 -36.66 8.55 -17.43
C GLN B 345 -36.69 9.14 -18.84
N ALA B 346 -36.20 10.38 -19.00
CA ALA B 346 -36.22 11.04 -20.30
C ALA B 346 -34.96 10.80 -21.11
N SER B 347 -33.82 10.53 -20.47
CA SER B 347 -32.54 10.49 -21.15
C SER B 347 -31.97 9.10 -21.40
N ASP B 348 -32.46 8.07 -20.71
CA ASP B 348 -31.78 6.78 -20.70
C ASP B 348 -32.58 5.72 -21.43
N HIS B 349 -31.88 4.64 -21.78
CA HIS B 349 -32.54 3.47 -22.34
C HIS B 349 -33.40 2.78 -21.28
N PRO B 350 -34.36 1.97 -21.71
CA PRO B 350 -35.15 1.19 -20.75
C PRO B 350 -34.28 0.19 -20.03
N ALA B 351 -34.85 -0.45 -19.02
CA ALA B 351 -34.09 -1.42 -18.23
C ALA B 351 -34.93 -2.65 -17.94
N ILE B 352 -34.25 -3.77 -17.77
CA ILE B 352 -34.81 -4.94 -17.09
C ILE B 352 -34.48 -4.78 -15.62
N VAL B 353 -35.49 -4.80 -14.77
CA VAL B 353 -35.32 -4.65 -13.33
C VAL B 353 -35.74 -5.97 -12.68
N LEU B 354 -34.84 -6.56 -11.90
CA LEU B 354 -35.16 -7.75 -11.12
C LEU B 354 -35.33 -7.35 -9.67
N TYR B 355 -36.54 -7.55 -9.16
CA TYR B 355 -36.86 -7.29 -7.76
C TYR B 355 -36.63 -8.60 -7.02
N ALA B 356 -35.52 -8.69 -6.30
CA ALA B 356 -35.06 -9.96 -5.75
C ALA B 356 -34.76 -9.76 -4.26
N MET B 357 -35.84 -9.56 -3.49
CA MET B 357 -35.76 -9.59 -2.03
C MET B 357 -36.08 -11.02 -1.62
N ILE B 358 -35.06 -11.87 -1.57
CA ILE B 358 -35.31 -13.31 -1.55
C ILE B 358 -35.27 -13.87 -0.13
N GLY B 359 -35.31 -13.03 0.90
CA GLY B 359 -35.38 -13.64 2.20
C GLY B 359 -35.57 -12.79 3.44
N ASN B 360 -35.14 -11.53 3.43
CA ASN B 360 -35.11 -10.83 4.69
C ASN B 360 -36.48 -10.40 5.16
N ASP B 361 -37.52 -10.64 4.35
CA ASP B 361 -38.88 -10.47 4.83
C ASP B 361 -39.35 -11.61 5.71
N VAL B 362 -38.65 -12.74 5.73
CA VAL B 362 -38.87 -13.75 6.75
C VAL B 362 -37.65 -14.00 7.63
N CYS B 363 -36.44 -13.67 7.16
CA CYS B 363 -35.20 -13.83 7.90
C CYS B 363 -34.90 -12.58 8.70
N ASN B 364 -34.79 -12.72 10.00
CA ASN B 364 -34.38 -11.60 10.85
C ASN B 364 -33.65 -12.17 12.05
N SER B 365 -33.04 -11.28 12.81
CA SER B 365 -32.22 -11.66 13.95
CA SER B 365 -32.22 -11.66 13.95
C SER B 365 -32.92 -11.42 15.28
N LYS B 366 -34.22 -11.18 15.27
CA LYS B 366 -35.00 -11.04 16.50
C LYS B 366 -35.24 -12.39 17.17
N ALA B 367 -35.03 -12.44 18.48
CA ALA B 367 -35.28 -13.67 19.23
C ALA B 367 -36.73 -14.14 19.06
N ASP B 368 -37.67 -13.22 19.17
CA ASP B 368 -39.07 -13.49 18.86
C ASP B 368 -39.25 -13.19 17.37
N THR B 369 -38.93 -14.17 16.54
CA THR B 369 -38.67 -13.87 15.14
C THR B 369 -39.95 -13.78 14.30
N VAL B 370 -41.00 -14.53 14.63
CA VAL B 370 -42.16 -14.58 13.74
C VAL B 370 -42.88 -13.23 13.65
N PRO B 371 -43.13 -12.53 14.77
CA PRO B 371 -43.76 -11.19 14.66
C PRO B 371 -42.97 -10.20 13.85
N GLU B 372 -41.66 -10.41 13.68
CA GLU B 372 -40.86 -9.47 12.91
C GLU B 372 -40.96 -9.73 11.41
N MET B 373 -41.44 -10.91 11.02
CA MET B 373 -41.57 -11.23 9.60
C MET B 373 -42.63 -10.36 8.94
N THR B 374 -42.39 -10.03 7.68
CA THR B 374 -43.35 -9.23 6.93
C THR B 374 -44.64 -10.03 6.68
N THR B 375 -45.78 -9.36 6.81
CA THR B 375 -47.04 -9.98 6.44
C THR B 375 -47.36 -9.74 4.98
N PRO B 376 -48.26 -10.54 4.39
CA PRO B 376 -48.65 -10.29 3.00
C PRO B 376 -49.19 -8.88 2.79
N GLU B 377 -49.95 -8.35 3.74
CA GLU B 377 -50.48 -7.00 3.58
CA GLU B 377 -50.48 -7.00 3.62
C GLU B 377 -49.34 -5.99 3.52
N GLN B 378 -48.35 -6.11 4.42
CA GLN B 378 -47.22 -5.19 4.39
C GLN B 378 -46.40 -5.37 3.13
N MET B 379 -46.17 -6.62 2.70
CA MET B 379 -45.44 -6.86 1.45
C MET B 379 -46.13 -6.18 0.28
N TYR B 380 -47.46 -6.29 0.21
CA TYR B 380 -48.20 -5.60 -0.85
C TYR B 380 -47.98 -4.10 -0.81
N ALA B 381 -48.17 -3.48 0.36
CA ALA B 381 -47.95 -2.04 0.48
C ALA B 381 -46.54 -1.65 0.08
N ASN B 382 -45.55 -2.41 0.52
CA ASN B 382 -44.15 -2.08 0.26
C ASN B 382 -43.83 -2.20 -1.23
N VAL B 383 -44.23 -3.32 -1.85
CA VAL B 383 -43.91 -3.55 -3.25
C VAL B 383 -44.64 -2.55 -4.14
N MET B 384 -45.91 -2.30 -3.86
CA MET B 384 -46.64 -1.30 -4.65
C MET B 384 -45.98 0.08 -4.55
N GLN B 385 -45.50 0.44 -3.37
CA GLN B 385 -44.79 1.71 -3.24
CA GLN B 385 -44.77 1.70 -3.23
C GLN B 385 -43.51 1.71 -4.09
N THR B 386 -42.79 0.59 -4.11
CA THR B 386 -41.58 0.48 -4.95
C THR B 386 -41.92 0.57 -6.44
N LEU B 387 -42.92 -0.19 -6.88
CA LEU B 387 -43.31 -0.16 -8.28
C LEU B 387 -43.81 1.23 -8.69
N THR B 388 -44.52 1.92 -7.81
CA THR B 388 -44.96 3.28 -8.12
C THR B 388 -43.76 4.22 -8.28
N HIS B 389 -42.76 4.10 -7.41
CA HIS B 389 -41.51 4.83 -7.58
C HIS B 389 -40.82 4.48 -8.89
N LEU B 390 -40.75 3.17 -9.22
CA LEU B 390 -40.10 2.77 -10.46
C LEU B 390 -40.79 3.37 -11.66
N ASN B 391 -42.13 3.42 -11.63
CA ASN B 391 -42.88 3.92 -12.78
C ASN B 391 -42.56 5.38 -13.07
N SER B 392 -42.15 6.15 -12.07
CA SER B 392 -41.77 7.54 -12.35
CA SER B 392 -41.75 7.55 -12.28
C SER B 392 -40.30 7.69 -12.71
N HIS B 393 -39.48 6.65 -12.56
CA HIS B 393 -38.07 6.75 -12.90
C HIS B 393 -37.65 5.92 -14.09
N LEU B 394 -38.39 4.85 -14.43
CA LEU B 394 -37.86 4.04 -15.53
C LEU B 394 -38.34 4.59 -16.87
N PRO B 395 -37.47 4.62 -17.88
CA PRO B 395 -37.95 4.91 -19.23
C PRO B 395 -39.06 3.94 -19.61
N ASN B 396 -40.01 4.43 -20.40
CA ASN B 396 -41.05 3.55 -20.93
C ASN B 396 -40.40 2.45 -21.77
N GLY B 397 -41.05 1.31 -21.82
CA GLY B 397 -40.46 0.14 -22.45
C GLY B 397 -39.65 -0.72 -21.50
N SER B 398 -39.61 -0.39 -20.21
CA SER B 398 -38.87 -1.22 -19.26
C SER B 398 -39.70 -2.44 -18.86
N HIS B 399 -39.08 -3.35 -18.09
CA HIS B 399 -39.67 -4.61 -17.68
C HIS B 399 -39.22 -4.90 -16.26
N VAL B 400 -40.17 -5.22 -15.37
CA VAL B 400 -39.89 -5.47 -13.96
C VAL B 400 -40.29 -6.91 -13.65
N ILE B 401 -39.37 -7.67 -13.09
CA ILE B 401 -39.60 -9.08 -12.76
C ILE B 401 -39.53 -9.24 -11.26
N LEU B 402 -40.58 -9.76 -10.66
CA LEU B 402 -40.60 -10.05 -9.23
C LEU B 402 -40.13 -11.48 -8.99
N TYR B 403 -39.17 -11.63 -8.08
CA TYR B 403 -38.64 -12.92 -7.66
C TYR B 403 -39.35 -13.43 -6.43
N GLY B 404 -39.80 -14.67 -6.49
CA GLY B 404 -40.30 -15.35 -5.32
C GLY B 404 -39.16 -15.71 -4.37
N LEU B 405 -39.56 -16.15 -3.21
CA LEU B 405 -38.66 -16.51 -2.13
C LEU B 405 -38.44 -18.01 -2.11
N PRO B 406 -37.25 -18.45 -1.71
CA PRO B 406 -36.97 -19.88 -1.62
C PRO B 406 -37.58 -20.53 -0.38
N ASP B 407 -37.63 -21.85 -0.40
CA ASP B 407 -37.88 -22.64 0.80
C ASP B 407 -36.55 -22.93 1.49
N GLY B 408 -36.21 -22.10 2.46
CA GLY B 408 -34.92 -22.19 3.12
C GLY B 408 -34.80 -23.24 4.20
N THR B 409 -35.77 -24.16 4.36
CA THR B 409 -35.52 -25.34 5.19
C THR B 409 -34.34 -26.13 4.66
N PHE B 410 -34.00 -25.91 3.40
CA PHE B 410 -32.82 -26.53 2.77
C PHE B 410 -31.55 -26.29 3.57
N LEU B 411 -31.41 -25.11 4.18
CA LEU B 411 -30.22 -24.77 4.94
C LEU B 411 -30.00 -25.75 6.08
N TRP B 412 -30.97 -25.86 6.99
CA TRP B 412 -30.84 -26.77 8.10
C TRP B 412 -30.71 -28.21 7.61
N ASP B 413 -31.61 -28.63 6.71
CA ASP B 413 -31.58 -30.01 6.22
C ASP B 413 -30.21 -30.38 5.66
N SER B 414 -29.62 -29.47 4.87
CA SER B 414 -28.35 -29.75 4.21
C SER B 414 -27.16 -29.66 5.15
N LEU B 415 -27.19 -28.77 6.14
CA LEU B 415 -25.97 -28.41 6.85
C LEU B 415 -25.92 -28.78 8.31
N HIS B 416 -27.05 -29.05 8.96
CA HIS B 416 -27.05 -28.99 10.42
C HIS B 416 -26.04 -29.97 11.03
N ASN B 417 -25.78 -31.10 10.37
CA ASN B 417 -24.86 -32.12 10.86
CA ASN B 417 -24.87 -32.13 10.84
C ASN B 417 -23.44 -31.97 10.33
N ARG B 418 -23.20 -31.05 9.40
CA ARG B 418 -21.89 -30.89 8.81
C ARG B 418 -21.05 -29.95 9.66
N TYR B 419 -19.73 -30.07 9.51
CA TYR B 419 -18.81 -29.22 10.23
C TYR B 419 -18.66 -27.88 9.53
N HIS B 420 -18.82 -26.81 10.30
CA HIS B 420 -18.42 -25.49 9.87
C HIS B 420 -16.92 -25.45 9.57
N PRO B 421 -16.46 -24.55 8.67
CA PRO B 421 -14.99 -24.39 8.47
C PRO B 421 -14.17 -24.32 9.76
N LEU B 422 -14.60 -23.59 10.79
CA LEU B 422 -13.86 -23.56 12.05
C LEU B 422 -13.95 -24.88 12.83
N GLY B 423 -14.91 -25.74 12.52
CA GLY B 423 -15.01 -27.00 13.20
C GLY B 423 -14.42 -28.18 12.48
N GLN B 424 -13.83 -27.95 11.30
CA GLN B 424 -13.37 -29.06 10.47
C GLN B 424 -12.11 -29.73 11.04
N LEU B 425 -11.19 -28.94 11.60
CA LEU B 425 -9.93 -29.51 12.09
C LEU B 425 -10.17 -30.56 13.16
N ASN B 426 -10.99 -30.25 14.15
CA ASN B 426 -11.24 -31.16 15.27
C ASN B 426 -12.68 -31.64 15.34
N LYS B 427 -13.43 -31.49 14.26
CA LYS B 427 -14.77 -32.07 14.17
C LYS B 427 -15.63 -31.67 15.35
N ASP B 428 -15.55 -30.40 15.74
CA ASP B 428 -16.17 -29.97 16.99
C ASP B 428 -17.09 -28.77 16.86
N VAL B 429 -17.34 -28.25 15.66
CA VAL B 429 -18.37 -27.23 15.43
C VAL B 429 -19.20 -27.66 14.22
N THR B 430 -20.43 -28.08 14.45
CA THR B 430 -21.38 -28.29 13.39
C THR B 430 -22.06 -26.98 13.04
N TYR B 431 -22.80 -26.97 11.94
CA TYR B 431 -23.57 -25.77 11.61
C TYR B 431 -24.67 -25.52 12.63
N ALA B 432 -25.23 -26.58 13.22
CA ALA B 432 -26.24 -26.36 14.27
C ALA B 432 -25.65 -25.58 15.44
N GLN B 433 -24.45 -25.97 15.87
CA GLN B 433 -23.78 -25.26 16.97
C GLN B 433 -23.40 -23.85 16.56
N PHE B 434 -22.94 -23.66 15.32
CA PHE B 434 -22.63 -22.32 14.80
C PHE B 434 -23.86 -21.42 14.81
N PHE B 435 -24.99 -21.91 14.31
CA PHE B 435 -26.23 -21.13 14.30
C PHE B 435 -26.66 -20.75 15.71
N SER B 436 -26.55 -21.70 16.63
CA SER B 436 -26.92 -21.42 18.01
C SER B 436 -26.02 -20.36 18.62
N PHE B 437 -24.72 -20.41 18.33
CA PHE B 437 -23.79 -19.38 18.79
C PHE B 437 -24.21 -18.01 18.28
N LEU B 438 -24.44 -17.90 16.97
CA LEU B 438 -24.86 -16.63 16.39
C LEU B 438 -26.15 -16.12 17.02
N ARG B 439 -27.12 -17.01 17.19
CA ARG B 439 -28.38 -16.62 17.83
CA ARG B 439 -28.38 -16.62 17.83
C ARG B 439 -28.13 -16.08 19.23
N CYS B 440 -27.30 -16.74 20.02
CA CYS B 440 -26.99 -16.25 21.35
C CYS B 440 -26.39 -14.85 21.30
N LEU B 441 -25.56 -14.57 20.29
CA LEU B 441 -24.97 -13.25 20.15
C LEU B 441 -25.89 -12.24 19.46
N GLN B 442 -27.10 -12.63 19.07
CA GLN B 442 -28.05 -11.77 18.34
C GLN B 442 -27.53 -11.41 16.96
N LEU B 443 -26.73 -12.30 16.39
CA LEU B 443 -26.14 -12.12 15.07
C LEU B 443 -26.60 -13.14 14.04
N ASN B 444 -27.53 -14.03 14.39
CA ASN B 444 -27.99 -15.01 13.43
C ASN B 444 -28.88 -14.27 12.44
N PRO B 445 -28.56 -14.28 11.15
CA PRO B 445 -29.33 -13.43 10.23
C PRO B 445 -30.68 -14.01 9.86
N CYS B 446 -30.97 -15.27 10.23
CA CYS B 446 -32.25 -15.88 9.85
C CYS B 446 -32.66 -16.87 10.92
N ASN B 447 -33.21 -16.33 12.02
CA ASN B 447 -33.60 -17.17 13.14
C ASN B 447 -34.72 -18.13 12.76
N GLY B 448 -35.52 -17.80 11.75
CA GLY B 448 -36.62 -18.68 11.38
C GLY B 448 -36.17 -19.98 10.74
N TRP B 449 -35.12 -19.94 9.93
CA TRP B 449 -34.63 -21.12 9.21
C TRP B 449 -33.35 -21.70 9.77
N MET B 450 -32.48 -20.85 10.31
CA MET B 450 -31.22 -21.31 10.88
C MET B 450 -31.45 -21.64 12.35
N SER B 451 -32.23 -22.72 12.55
CA SER B 451 -32.85 -23.04 13.82
C SER B 451 -33.04 -24.54 13.94
N SER B 452 -32.83 -25.07 15.14
CA SER B 452 -33.10 -26.48 15.42
C SER B 452 -34.57 -26.79 15.66
N ASN B 453 -35.44 -25.78 15.68
CA ASN B 453 -36.87 -25.95 15.95
C ASN B 453 -37.60 -26.17 14.62
N LYS B 454 -37.96 -27.43 14.34
CA LYS B 454 -38.58 -27.76 13.07
C LYS B 454 -39.90 -27.04 12.88
N THR B 455 -40.66 -26.81 13.96
CA THR B 455 -41.94 -26.13 13.83
C THR B 455 -41.73 -24.70 13.33
N LEU B 456 -40.68 -24.05 13.82
CA LEU B 456 -40.35 -22.71 13.38
C LEU B 456 -39.87 -22.69 11.93
N ARG B 457 -38.95 -23.60 11.56
CA ARG B 457 -38.53 -23.69 10.16
C ARG B 457 -39.73 -23.86 9.25
N THR B 458 -40.68 -24.70 9.64
CA THR B 458 -41.90 -24.91 8.85
C THR B 458 -42.72 -23.63 8.75
N LEU B 459 -42.89 -22.93 9.87
CA LEU B 459 -43.66 -21.68 9.85
C LEU B 459 -43.00 -20.65 8.94
N THR B 460 -41.67 -20.55 8.99
CA THR B 460 -40.94 -19.60 8.16
C THR B 460 -41.13 -19.89 6.68
N SER B 461 -41.09 -21.18 6.29
CA SER B 461 -41.31 -21.54 4.90
C SER B 461 -42.74 -21.26 4.46
N GLU B 462 -43.70 -21.49 5.35
CA GLU B 462 -45.09 -21.15 5.05
CA GLU B 462 -45.09 -21.14 5.04
C GLU B 462 -45.23 -19.66 4.75
N ARG B 463 -44.61 -18.82 5.58
CA ARG B 463 -44.69 -17.38 5.35
C ARG B 463 -44.00 -17.01 4.05
N ALA B 464 -42.84 -17.62 3.78
CA ALA B 464 -42.13 -17.30 2.53
C ALA B 464 -42.99 -17.63 1.32
N GLU B 465 -43.71 -18.75 1.37
CA GLU B 465 -44.58 -19.11 0.25
C GLU B 465 -45.76 -18.15 0.13
N GLN B 466 -46.32 -17.70 1.26
CA GLN B 466 -47.38 -16.70 1.20
C GLN B 466 -46.88 -15.40 0.59
N LEU B 467 -45.68 -14.95 0.99
CA LEU B 467 -45.14 -13.74 0.40
C LEU B 467 -44.87 -13.92 -1.08
N SER B 468 -44.40 -15.11 -1.48
CA SER B 468 -44.19 -15.36 -2.90
C SER B 468 -45.51 -15.28 -3.68
N ASN B 469 -46.58 -15.89 -3.14
CA ASN B 469 -47.88 -15.84 -3.83
C ASN B 469 -48.42 -14.41 -3.89
N THR B 470 -48.16 -13.62 -2.86
CA THR B 470 -48.53 -12.21 -2.92
C THR B 470 -47.81 -11.50 -4.06
N LEU B 471 -46.51 -11.77 -4.25
CA LEU B 471 -45.77 -11.18 -5.36
C LEU B 471 -46.34 -11.60 -6.71
N LYS B 472 -46.63 -12.89 -6.87
CA LYS B 472 -47.21 -13.36 -8.12
C LYS B 472 -48.57 -12.73 -8.38
N LYS B 473 -49.37 -12.55 -7.32
CA LYS B 473 -50.68 -11.90 -7.50
C LYS B 473 -50.53 -10.43 -7.88
N ILE B 474 -49.53 -9.73 -7.34
CA ILE B 474 -49.26 -8.37 -7.78
C ILE B 474 -48.94 -8.35 -9.27
N ALA B 475 -48.06 -9.26 -9.70
CA ALA B 475 -47.59 -9.27 -11.08
C ALA B 475 -48.69 -9.63 -12.06
N THR B 476 -49.68 -10.40 -11.63
CA THR B 476 -50.74 -10.84 -12.54
C THR B 476 -51.99 -9.95 -12.47
N THR B 477 -52.04 -8.95 -11.57
CA THR B 477 -53.23 -8.09 -11.44
C THR B 477 -52.95 -6.59 -11.39
N GLU B 478 -51.69 -6.15 -11.32
CA GLU B 478 -51.38 -4.73 -11.27
C GLU B 478 -50.66 -4.33 -12.54
N THR B 479 -50.94 -3.12 -13.04
CA THR B 479 -50.30 -2.66 -14.26
C THR B 479 -49.82 -1.24 -14.07
N PHE B 480 -48.75 -0.93 -14.80
CA PHE B 480 -48.06 0.34 -14.71
C PHE B 480 -47.76 0.79 -16.13
N ALA B 481 -47.57 2.10 -16.29
CA ALA B 481 -47.49 2.70 -17.62
C ALA B 481 -46.14 2.48 -18.28
N ASN B 482 -45.04 2.58 -17.53
CA ASN B 482 -43.71 2.57 -18.13
C ASN B 482 -43.03 1.22 -18.11
N PHE B 483 -43.68 0.19 -17.57
CA PHE B 483 -43.10 -1.14 -17.64
C PHE B 483 -44.22 -2.17 -17.58
N ASP B 484 -43.94 -3.34 -18.15
CA ASP B 484 -44.75 -4.51 -17.85
C ASP B 484 -44.09 -5.31 -16.74
N LEU B 485 -44.87 -6.23 -16.17
CA LEU B 485 -44.57 -6.80 -14.87
C LEU B 485 -44.78 -8.30 -14.92
N PHE B 486 -43.83 -9.05 -14.34
CA PHE B 486 -43.77 -10.49 -14.42
C PHE B 486 -43.35 -11.08 -13.08
N TYR B 487 -43.64 -12.37 -12.88
CA TYR B 487 -43.22 -13.09 -11.69
C TYR B 487 -42.47 -14.37 -12.06
N VAL B 488 -41.37 -14.64 -11.35
CA VAL B 488 -40.62 -15.87 -11.52
CA VAL B 488 -40.62 -15.89 -11.52
C VAL B 488 -40.42 -16.49 -10.14
N ASP B 489 -40.80 -17.74 -9.98
CA ASP B 489 -40.61 -18.33 -8.68
C ASP B 489 -39.14 -18.72 -8.53
N PHE B 490 -38.70 -18.83 -7.28
CA PHE B 490 -37.29 -19.14 -7.02
C PHE B 490 -37.00 -20.58 -7.43
N ALA B 491 -37.83 -21.53 -6.97
CA ALA B 491 -37.75 -22.96 -7.30
C ALA B 491 -36.33 -23.48 -7.16
N PHE B 492 -35.90 -23.64 -5.92
CA PHE B 492 -34.53 -24.09 -5.77
C PHE B 492 -34.37 -25.58 -6.06
N HIS B 493 -35.42 -26.39 -5.90
CA HIS B 493 -35.26 -27.81 -6.21
C HIS B 493 -34.84 -27.98 -7.67
N GLU B 494 -35.18 -27.03 -8.53
CA GLU B 494 -34.68 -27.07 -9.91
C GLU B 494 -33.17 -26.82 -9.96
N ILE B 495 -32.68 -25.90 -9.11
CA ILE B 495 -31.24 -25.67 -9.03
C ILE B 495 -30.54 -26.91 -8.51
N ILE B 496 -31.11 -27.50 -7.46
CA ILE B 496 -30.54 -28.70 -6.85
C ILE B 496 -30.42 -29.82 -7.87
N GLU B 497 -31.48 -30.04 -8.64
CA GLU B 497 -31.47 -31.03 -9.70
C GLU B 497 -30.37 -30.73 -10.72
N ASP B 498 -30.33 -29.51 -11.24
CA ASP B 498 -29.27 -29.07 -12.15
C ASP B 498 -27.89 -29.37 -11.54
N TRP B 499 -27.71 -29.04 -10.27
CA TRP B 499 -26.42 -29.26 -9.63
C TRP B 499 -26.10 -30.77 -9.50
N GLN B 500 -27.08 -31.58 -9.12
CA GLN B 500 -26.81 -32.99 -8.96
CA GLN B 500 -26.83 -33.01 -8.97
C GLN B 500 -26.42 -33.64 -10.29
N LYS B 501 -27.01 -33.20 -11.40
CA LYS B 501 -26.65 -33.77 -12.69
C LYS B 501 -25.22 -33.48 -13.08
N ARG B 502 -24.61 -32.46 -12.50
CA ARG B 502 -23.19 -32.20 -12.63
C ARG B 502 -22.35 -32.95 -11.61
N GLY B 503 -22.95 -33.85 -10.84
CA GLY B 503 -22.21 -34.51 -9.78
C GLY B 503 -22.05 -33.73 -8.50
N GLY B 504 -22.82 -32.63 -8.30
CA GLY B 504 -22.73 -31.88 -7.07
C GLY B 504 -23.68 -32.37 -5.99
N GLN B 505 -23.35 -32.02 -4.73
CA GLN B 505 -24.21 -32.30 -3.60
C GLN B 505 -24.85 -31.01 -3.07
N PRO B 506 -26.03 -31.07 -2.47
CA PRO B 506 -26.76 -29.83 -2.15
C PRO B 506 -26.02 -28.90 -1.21
N TRP B 507 -25.33 -29.45 -0.21
CA TRP B 507 -24.64 -28.60 0.74
C TRP B 507 -23.59 -27.73 0.04
N GLN B 508 -23.16 -28.10 -1.17
CA GLN B 508 -22.15 -27.32 -1.89
C GLN B 508 -22.72 -26.09 -2.58
N LEU B 509 -23.98 -25.77 -2.37
CA LEU B 509 -24.59 -24.59 -2.96
C LEU B 509 -24.69 -23.43 -1.98
N ILE B 510 -24.24 -23.61 -0.76
CA ILE B 510 -24.38 -22.64 0.32
CA ILE B 510 -24.38 -22.63 0.31
C ILE B 510 -22.99 -22.13 0.68
N GLU B 511 -22.90 -20.82 0.92
CA GLU B 511 -21.68 -20.20 1.42
C GLU B 511 -21.20 -20.90 2.68
N PRO B 512 -19.99 -21.48 2.68
CA PRO B 512 -19.57 -22.30 3.81
C PRO B 512 -19.38 -21.53 5.09
N VAL B 513 -18.94 -20.27 5.01
CA VAL B 513 -18.66 -19.53 6.22
C VAL B 513 -19.94 -19.08 6.92
N ASP B 514 -20.95 -18.60 6.18
CA ASP B 514 -22.15 -18.12 6.87
C ASP B 514 -23.28 -19.15 6.94
N GLY B 515 -23.23 -20.21 6.14
CA GLY B 515 -24.25 -21.26 6.19
C GLY B 515 -25.63 -20.79 5.82
N PHE B 516 -25.73 -19.74 5.01
CA PHE B 516 -26.97 -19.01 4.80
C PHE B 516 -27.16 -18.62 3.33
N HIS B 517 -26.18 -17.91 2.73
CA HIS B 517 -26.40 -17.37 1.38
C HIS B 517 -26.12 -18.44 0.33
N PRO B 518 -26.85 -18.39 -0.79
CA PRO B 518 -26.41 -19.13 -1.98
C PRO B 518 -25.03 -18.67 -2.40
N ASN B 519 -24.19 -19.60 -2.81
CA ASN B 519 -22.84 -19.26 -3.23
C ASN B 519 -22.82 -18.88 -4.71
N GLU B 520 -21.62 -18.69 -5.28
CA GLU B 520 -21.50 -18.22 -6.65
C GLU B 520 -22.11 -19.21 -7.64
N VAL B 521 -21.87 -20.49 -7.43
CA VAL B 521 -22.43 -21.52 -8.31
C VAL B 521 -23.95 -21.48 -8.28
N ALA B 522 -24.52 -21.42 -7.07
CA ALA B 522 -25.97 -21.38 -6.94
C ALA B 522 -26.55 -20.17 -7.62
N SER B 523 -25.91 -19.02 -7.46
CA SER B 523 -26.40 -17.76 -8.03
C SER B 523 -26.39 -17.81 -9.55
N LEU B 524 -25.34 -18.40 -10.13
CA LEU B 524 -25.29 -18.53 -11.58
C LEU B 524 -26.28 -19.56 -12.08
N LEU B 525 -26.45 -20.67 -11.34
CA LEU B 525 -27.48 -21.62 -11.71
C LEU B 525 -28.87 -21.00 -11.66
N GLN B 526 -29.15 -20.18 -10.64
CA GLN B 526 -30.45 -19.52 -10.60
CA GLN B 526 -30.44 -19.49 -10.58
C GLN B 526 -30.62 -18.57 -11.78
N ALA B 527 -29.55 -17.85 -12.14
CA ALA B 527 -29.66 -16.87 -13.22
C ALA B 527 -29.93 -17.57 -14.54
N ASN B 528 -29.35 -18.74 -14.74
CA ASN B 528 -29.62 -19.56 -15.93
C ASN B 528 -31.09 -19.95 -16.01
N ARG B 529 -31.67 -20.41 -14.89
CA ARG B 529 -33.08 -20.77 -14.88
C ARG B 529 -33.96 -19.56 -15.16
N VAL B 530 -33.62 -18.41 -14.59
CA VAL B 530 -34.40 -17.20 -14.83
C VAL B 530 -34.32 -16.81 -16.31
N TRP B 531 -33.11 -16.73 -16.87
CA TRP B 531 -32.96 -16.34 -18.26
C TRP B 531 -33.75 -17.27 -19.18
N GLU B 532 -33.55 -18.59 -19.03
CA GLU B 532 -34.23 -19.56 -19.90
C GLU B 532 -35.74 -19.51 -19.73
N LYS B 533 -36.22 -19.20 -18.52
CA LYS B 533 -37.67 -19.04 -18.33
C LYS B 533 -38.19 -17.80 -19.03
N ILE B 534 -37.48 -16.67 -18.93
CA ILE B 534 -37.91 -15.47 -19.63
C ILE B 534 -37.91 -15.74 -21.15
N GLN B 535 -36.83 -16.36 -21.65
CA GLN B 535 -36.72 -16.65 -23.08
C GLN B 535 -37.89 -17.50 -23.55
N LEU B 536 -38.29 -18.47 -22.75
CA LEU B 536 -39.38 -19.35 -23.14
C LEU B 536 -40.73 -18.62 -23.05
N GLN B 537 -40.90 -17.78 -22.02
CA GLN B 537 -42.21 -17.27 -21.66
C GLN B 537 -42.47 -15.85 -22.11
N TRP B 538 -41.49 -14.96 -22.02
CA TRP B 538 -41.65 -13.56 -22.41
C TRP B 538 -40.42 -13.10 -23.16
N PRO B 539 -40.16 -13.69 -24.32
CA PRO B 539 -38.90 -13.38 -25.03
C PRO B 539 -38.72 -11.92 -25.38
N HIS B 540 -39.79 -11.13 -25.47
CA HIS B 540 -39.62 -9.71 -25.77
C HIS B 540 -38.89 -8.96 -24.66
N VAL B 541 -38.85 -9.53 -23.45
CA VAL B 541 -38.15 -8.87 -22.35
C VAL B 541 -36.67 -8.78 -22.63
N LEU B 542 -36.11 -9.79 -23.30
CA LEU B 542 -34.68 -9.87 -23.56
C LEU B 542 -34.30 -9.23 -24.90
N GLY B 543 -35.27 -8.92 -25.74
CA GLY B 543 -34.98 -8.27 -27.00
C GLY B 543 -34.53 -9.27 -28.04
N LYS B 544 -34.07 -8.73 -29.16
CA LYS B 544 -33.51 -9.51 -30.25
C LYS B 544 -32.00 -9.54 -30.16
N GLU B 545 -31.41 -10.55 -30.81
CA GLU B 545 -29.98 -10.59 -31.03
C GLU B 545 -29.61 -9.52 -32.04
N ASN B 546 -28.52 -8.80 -31.77
CA ASN B 546 -28.14 -7.69 -32.65
C ASN B 546 -27.32 -8.23 -33.79
N PRO B 547 -27.83 -8.22 -35.04
CA PRO B 547 -27.04 -8.78 -36.16
C PRO B 547 -25.69 -8.10 -36.37
N PHE B 548 -25.46 -6.92 -35.80
CA PHE B 548 -24.20 -6.21 -35.97
C PHE B 548 -23.16 -6.55 -34.92
N ASN B 549 -23.46 -7.49 -34.01
CA ASN B 549 -22.53 -7.80 -32.92
C ASN B 549 -21.13 -8.04 -33.46
N SER B 550 -21.00 -8.88 -34.49
CA SER B 550 -19.67 -9.23 -35.00
C SER B 550 -18.95 -8.01 -35.59
N GLN B 551 -19.68 -7.16 -36.33
CA GLN B 551 -19.07 -5.91 -36.81
C GLN B 551 -18.67 -5.00 -35.66
N ILE B 552 -19.48 -4.99 -34.58
CA ILE B 552 -19.12 -4.22 -33.39
C ILE B 552 -17.78 -4.68 -32.84
N GLU B 553 -17.59 -6.00 -32.71
CA GLU B 553 -16.33 -6.55 -32.25
C GLU B 553 -15.18 -6.13 -33.17
N GLU B 554 -15.41 -6.20 -34.48
CA GLU B 554 -14.35 -5.88 -35.44
C GLU B 554 -13.85 -4.46 -35.25
N VAL B 555 -14.76 -3.49 -35.17
CA VAL B 555 -14.31 -2.11 -35.09
C VAL B 555 -13.84 -1.73 -33.70
N PHE B 556 -14.43 -2.32 -32.65
CA PHE B 556 -14.23 -1.81 -31.30
C PHE B 556 -13.62 -2.82 -30.33
N GLY B 557 -13.40 -4.06 -30.76
CA GLY B 557 -12.75 -5.02 -29.88
C GLY B 557 -13.58 -5.28 -28.64
N ASP B 558 -12.96 -5.13 -27.47
CA ASP B 558 -13.63 -5.37 -26.19
C ASP B 558 -14.44 -4.15 -25.72
N GLN B 559 -14.61 -3.15 -26.59
CA GLN B 559 -15.42 -1.97 -26.32
C GLN B 559 -14.95 -1.23 -25.07
N GLY B 560 -13.67 -1.35 -24.74
CA GLY B 560 -13.10 -0.63 -23.62
C GLY B 560 -13.10 -1.38 -22.31
N GLY B 561 -13.56 -2.63 -22.29
CA GLY B 561 -13.51 -3.41 -21.09
C GLY B 561 -14.44 -2.86 -20.02
N HIS B 562 -14.30 -3.44 -18.83
CA HIS B 562 -15.12 -3.05 -17.68
C HIS B 562 -14.31 -2.33 -16.63
CA CA C . 22.15 -8.82 13.21
CA CA D . 24.69 -11.98 13.39
CA CA E . 34.56 -16.73 6.86
C1 NAG F . 27.80 39.63 1.91
C2 NAG F . 26.92 40.67 2.60
C3 NAG F . 27.73 41.52 3.56
C4 NAG F . 28.54 40.65 4.52
C5 NAG F . 29.37 39.64 3.73
C6 NAG F . 30.12 38.65 4.61
C7 NAG F . 24.93 41.64 1.57
C8 NAG F . 24.39 42.56 0.52
N2 NAG F . 26.26 41.51 1.62
O3 NAG F . 26.81 42.34 4.29
O4 NAG F . 29.42 41.46 5.32
O5 NAG F . 28.51 38.86 2.88
O6 NAG F . 29.26 38.07 5.58
O7 NAG F . 24.19 41.05 2.33
H1 NAG F . 28.45 40.09 1.34
H2 NAG F . 26.24 40.18 3.11
H3 NAG F . 28.34 42.09 3.06
H4 NAG F . 27.93 40.17 5.10
H5 NAG F . 30.02 40.12 3.17
H61 NAG F . 30.84 39.11 5.06
H62 NAG F . 30.49 37.94 4.04
H81 NAG F . 24.68 42.23 -0.36
H82 NAG F . 24.76 43.45 0.65
H83 NAG F . 23.43 42.59 0.57
HN2 NAG F . 26.76 41.99 1.03
HO3 NAG F . 27.14 43.16 4.35
HO4 NAG F . 29.41 41.15 6.15
HO6 NAG F . 28.80 37.39 5.21
C1 NAG G . 22.91 -19.45 13.17
C2 NAG G . 22.96 -20.80 12.49
C3 NAG G . 22.04 -21.76 13.22
C4 NAG G . 22.44 -21.87 14.68
C5 NAG G . 22.60 -20.49 15.35
C6 NAG G . 23.34 -20.59 16.66
C7 NAG G . 23.41 -21.25 10.13
C8 NAG G . 22.92 -21.10 8.72
N2 NAG G . 22.62 -20.73 11.08
O3 NAG G . 22.12 -23.04 12.59
O4 NAG G . 21.45 -22.60 15.41
O5 NAG G . 23.36 -19.58 14.54
O6 NAG G . 22.87 -19.63 17.60
O7 NAG G . 24.47 -21.79 10.39
H1 NAG G . 21.99 -19.12 13.15
H2 NAG G . 23.87 -21.14 12.57
H3 NAG G . 21.12 -21.44 13.16
H4 NAG G . 23.29 -22.35 14.74
H5 NAG G . 21.72 -20.12 15.51
H61 NAG G . 24.28 -20.45 16.51
H62 NAG G . 23.20 -21.49 17.04
H81 NAG G . 22.81 -20.16 8.51
H82 NAG G . 22.06 -21.56 8.63
H83 NAG G . 23.56 -21.51 8.11
HN2 NAG G . 21.84 -20.34 10.84
HO3 NAG G . 21.55 -23.60 12.98
HO4 NAG G . 21.85 -23.28 15.82
HO6 NAG G . 23.27 -19.77 18.38
OA1 FAW H . 25.07 16.57 5.03
CA1 FAW H . 25.08 17.51 4.30
CA2 FAW H . 26.38 18.19 3.91
CA3 FAW H . 27.32 17.32 3.09
CA4 FAW H . 28.51 18.15 2.66
CA5 FAW H . 28.45 18.49 1.17
CA6 FAW H . 29.32 19.69 0.88
CA7 FAW H . 29.54 19.87 -0.61
CA8 FAW H . 30.28 21.18 -0.85
CA9 FAW H . 30.23 21.56 -2.32
CAA FAW H . 30.85 20.48 -3.19
CBA FAW H . 31.59 21.07 -4.38
CCA FAW H . 32.70 20.16 -4.86
C33 FAW H . 32.27 18.69 -4.95
C34 FAW H . 31.08 18.51 -5.89
OG1 FAW H . 23.87 18.00 3.81
CG1 FAW H . 23.08 18.41 4.88
CG2 FAW H . 21.76 18.92 4.33
CG3 FAW H . 20.82 19.14 5.51
OXT FAW H . 21.58 19.57 6.61
OG2 FAW H . 21.24 17.96 3.43
CB1 FAW H . 19.97 18.25 2.91
OB1 FAW H . 19.01 17.97 3.56
CB2 FAW H . 19.78 18.86 1.52
CB3 FAW H . 18.34 19.32 1.30
CB4 FAW H . 18.15 20.31 0.14
CB5 FAW H . 16.68 20.47 -0.22
CB6 FAW H . 16.40 20.15 -1.68
CB7 FAW H . 14.91 20.10 -1.97
CB8 FAW H . 14.53 19.07 -3.01
CB9 FAW H . 13.02 18.97 -3.22
CAB FAW H . 12.34 17.92 -2.34
CBB FAW H . 11.65 16.79 -3.12
CCB FAW H . 11.76 15.45 -2.40
C35 FAW H . 10.44 14.69 -2.42
C36 FAW H . 10.57 13.30 -1.80
H1 FAW H . 26.85 18.46 4.73
H2 FAW H . 26.18 18.99 3.40
H3 FAW H . 26.85 16.99 2.31
H4 FAW H . 27.62 16.57 3.63
H5 FAW H . 29.32 17.66 2.84
H6 FAW H . 28.52 18.98 3.17
H7 FAW H . 28.76 17.73 0.66
H8 FAW H . 27.53 18.69 0.92
H9 FAW H . 28.89 20.49 1.23
H10 FAW H . 30.18 19.58 1.31
H11 FAW H . 28.68 19.91 -1.06
H12 FAW H . 30.07 19.14 -0.95
H13 FAW H . 29.85 21.89 -0.33
H14 FAW H . 31.19 21.09 -0.56
H15 FAW H . 30.73 22.39 -2.44
H16 FAW H . 29.31 21.69 -2.59
H17 FAW H . 31.47 19.96 -2.65
H18 FAW H . 30.14 19.90 -3.51
H19 FAW H . 31.98 21.92 -4.12
H20 FAW H . 30.96 21.22 -5.10
H21 FAW H . 32.99 20.44 -5.74
H22 FAW H . 33.45 20.22 -4.26
H23 FAW H . 33.01 18.16 -5.28
H24 FAW H . 32.03 18.38 -4.07
H25 FAW H . 30.31 19.00 -5.55
H26 FAW H . 31.30 18.84 -6.77
H27 FAW H . 30.86 17.57 -5.94
H28 FAW H . 22.92 17.66 5.48
H29 FAW H . 23.53 19.13 5.36
H30 FAW H . 21.90 19.76 3.86
H31 FAW H . 20.37 18.31 5.73
H32 FAW H . 20.17 19.82 5.28
H33 FAW H . 21.29 20.33 6.87
H34 FAW H . 20.38 19.63 1.42
H35 FAW H . 20.00 18.20 0.84
H36 FAW H . 18.03 19.74 2.11
H37 FAW H . 17.79 18.53 1.12
H38 FAW H . 18.51 21.17 0.40
H39 FAW H . 18.63 19.99 -0.64
H40 FAW H . 16.41 21.39 -0.04
H41 FAW H . 16.14 19.87 0.33
H42 FAW H . 16.79 19.29 -1.90
H43 FAW H . 16.82 20.83 -2.24
H44 FAW H . 14.44 19.91 -1.15
H45 FAW H . 14.63 20.97 -2.30
H46 FAW H . 14.96 19.29 -3.85
H47 FAW H . 14.87 18.19 -2.72
H48 FAW H . 12.63 19.83 -3.03
H49 FAW H . 12.86 18.75 -4.15
H50 FAW H . 11.67 18.36 -1.79
H51 FAW H . 13.00 17.52 -1.75
H52 FAW H . 10.72 17.01 -3.24
H53 FAW H . 12.07 16.70 -3.99
H54 FAW H . 12.02 15.60 -1.48
H55 FAW H . 12.43 14.91 -2.84
H56 FAW H . 10.14 14.59 -3.34
H57 FAW H . 9.77 15.20 -1.93
H58 FAW H . 9.71 12.84 -1.84
H59 FAW H . 10.84 13.38 -0.87
H60 FAW H . 11.23 12.79 -2.28
CA CA I . -19.11 9.75 -12.02
CA CA J . -19.66 10.74 -16.01
CA CA K . -21.48 4.92 -27.32
C1 NAG L . -40.72 -23.70 18.23
C2 NAG L . -40.79 -23.14 19.65
C3 NAG L . -42.24 -22.90 20.04
C4 NAG L . -42.87 -21.93 19.06
C5 NAG L . -42.74 -22.47 17.64
C6 NAG L . -43.19 -21.46 16.60
C7 NAG L . -39.34 -23.56 21.58
C8 NAG L . -38.75 -24.60 22.48
N2 NAG L . -40.14 -24.03 20.61
O3 NAG L . -42.28 -22.38 21.36
O4 NAG L . -44.24 -21.74 19.39
O5 NAG L . -41.37 -22.79 17.33
O6 NAG L . -42.63 -20.17 16.86
O7 NAG L . -39.11 -22.37 21.72
H1 NAG L . -41.16 -24.56 18.19
H2 NAG L . -40.32 -22.29 19.67
H3 NAG L . -42.72 -23.75 20.02
H4 NAG L . -42.41 -21.07 19.13
H5 NAG L . -43.28 -23.27 17.55
H61 NAG L . -44.16 -21.40 16.62
H62 NAG L . -42.90 -21.76 15.71
H81 NAG L . -38.20 -25.22 21.96
H82 NAG L . -39.47 -25.09 22.93
H83 NAG L . -38.19 -24.17 23.15
HN2 NAG L . -40.27 -24.92 20.54
HO3 NAG L . -42.30 -23.04 21.95
HO4 NAG L . -44.32 -21.12 20.02
HO6 NAG L . -41.86 -20.25 17.27
C1 NAG M . -15.12 14.71 -20.35
C2 NAG M . -14.30 14.95 -21.62
C3 NAG M . -13.75 16.38 -21.63
C4 NAG M . -14.87 17.39 -21.40
C5 NAG M . -15.63 17.03 -20.13
C6 NAG M . -16.82 17.94 -19.86
C7 NAG M . -13.27 12.88 -22.44
C8 NAG M . -12.05 11.99 -22.41
N2 NAG M . -13.21 13.98 -21.71
O3 NAG M . -13.15 16.63 -22.90
O4 NAG M . -14.33 18.69 -21.28
O5 NAG M . -16.15 15.69 -20.26
O6 NAG M . -17.95 17.56 -20.63
O7 NAG M . -14.26 12.59 -23.12
H1 NAG M . -14.53 14.77 -19.57
H2 NAG M . -14.88 14.83 -22.39
H3 NAG M . -13.08 16.48 -20.94
H4 NAG M . -15.48 17.37 -22.16
H5 NAG M . -15.03 17.07 -19.37
H61 NAG M . -16.57 18.85 -20.09
H62 NAG M . -17.04 17.89 -18.91
H81 NAG M . -11.89 11.70 -21.49
H82 NAG M . -11.28 12.50 -22.73
H83 NAG M . -12.20 11.22 -22.98
HN2 NAG M . -12.45 14.14 -21.22
HO3 NAG M . -13.04 17.49 -23.01
HO4 NAG M . -14.50 19.16 -22.02
HO6 NAG M . -18.56 18.20 -20.60
OA1 FAW N . -29.10 -9.83 3.07
CA1 FAW N . -28.94 -10.93 3.50
CA2 FAW N . -29.99 -12.03 3.25
CA3 FAW N . -30.45 -12.15 1.80
CA4 FAW N . -31.48 -13.25 1.63
CA5 FAW N . -30.84 -14.65 1.70
CA6 FAW N . -31.88 -15.76 1.82
CA7 FAW N . -31.19 -17.10 1.84
CA8 FAW N . -32.16 -18.26 1.75
CA9 FAW N . -31.40 -19.39 1.11
CAA FAW N . -32.19 -20.69 1.04
CBA FAW N . -31.44 -21.72 0.21
CCA FAW N . -31.49 -21.34 -1.26
C33 FAW N . -30.55 -22.20 -2.05
C34 FAW N . -29.08 -21.77 -1.99
OG1 FAW N . -27.81 -11.31 4.21
CG1 FAW N . -26.96 -10.29 4.68
CG2 FAW N . -26.64 -10.62 6.13
CG3 FAW N . -27.31 -9.57 7.01
OXT FAW N . -28.68 -9.84 7.03
OG2 FAW N . -25.25 -10.65 6.32
CB1 FAW N . -24.88 -11.56 7.32
OB1 FAW N . -24.93 -11.21 8.45
CB2 FAW N . -24.44 -12.99 7.01
CB3 FAW N . -24.07 -13.78 8.26
CB4 FAW N . -22.88 -13.17 8.99
CB5 FAW N . -22.34 -14.06 10.09
CB6 FAW N . -21.26 -14.98 9.56
CB7 FAW N . -19.95 -14.74 10.31
CB8 FAW N . -18.99 -15.91 10.19
CB9 FAW N . -17.66 -15.59 10.83
CAB FAW N . -16.84 -14.65 9.95
CBB FAW N . -16.12 -13.56 10.73
CCB FAW N . -15.24 -12.69 9.80
C35 FAW N . -13.83 -12.47 10.35
C36 FAW N . -12.79 -12.27 9.24
H1 FAW N . -30.76 -11.85 3.81
H2 FAW N . -29.60 -12.88 3.52
H3 FAW N . -29.67 -12.33 1.24
H4 FAW N . -30.84 -11.30 1.52
H5 FAW N . -31.91 -13.15 0.77
H6 FAW N . -32.15 -13.18 2.33
H7 FAW N . -30.33 -14.80 0.90
H8 FAW N . -30.26 -14.68 2.47
H9 FAW N . -32.38 -15.64 2.65
H10 FAW N . -32.49 -15.71 1.07
H11 FAW N . -30.68 -17.18 2.67
H12 FAW N . -30.58 -17.15 1.09
H13 FAW N . -32.45 -18.52 2.64
H14 FAW N . -32.92 -18.01 1.20
H15 FAW N . -30.59 -19.56 1.63
H16 FAW N . -31.15 -19.13 0.21
H17 FAW N . -32.32 -21.03 1.93
H18 FAW N . -33.05 -20.51 0.63
H19 FAW N . -31.85 -22.59 0.33
H20 FAW N . -30.51 -21.75 0.50
H21 FAW N . -32.39 -21.46 -1.59
H22 FAW N . -31.24 -20.41 -1.36
H23 FAW N . -30.61 -23.11 -1.71
H24 FAW N . -30.83 -22.20 -2.97
H25 FAW N . -28.78 -21.76 -1.08
H26 FAW N . -28.55 -22.40 -2.50
H27 FAW N . -29.00 -20.88 -2.38
H28 FAW N . -26.15 -10.26 4.15
H29 FAW N . -27.42 -9.44 4.63
H30 FAW N . -27.01 -11.49 6.34
H31 FAW N . -27.15 -8.68 6.65
H32 FAW N . -26.95 -9.62 7.92
H33 FAW N . -28.88 -10.33 6.37
H34 FAW N . -25.16 -13.44 6.55
H35 FAW N . -23.67 -12.96 6.42
H36 FAW N . -23.85 -14.69 8.01
H37 FAW N . -24.83 -13.79 8.86
H38 FAW N . -22.17 -13.00 8.34
H39 FAW N . -23.15 -12.32 9.37
H40 FAW N . -23.06 -14.60 10.46
H41 FAW N . -21.97 -13.50 10.80
H42 FAW N . -21.11 -14.80 8.62
H43 FAW N . -21.53 -15.90 9.68
H44 FAW N . -19.53 -13.95 9.95
H45 FAW N . -20.16 -14.61 11.25
H46 FAW N . -19.38 -16.69 10.63
H47 FAW N . -18.85 -16.12 9.25
H48 FAW N . -17.81 -15.16 11.70
H49 FAW N . -17.17 -16.41 10.98
H50 FAW N . -17.43 -14.25 9.30
H51 FAW N . -16.17 -15.19 9.48
H52 FAW N . -16.78 -12.98 11.15
H53 FAW N . -15.56 -13.96 11.40
H54 FAW N . -15.67 -11.84 9.69
H55 FAW N . -15.18 -13.13 8.94
H56 FAW N . -13.57 -13.23 10.88
H57 FAW N . -13.84 -11.68 10.92
H58 FAW N . -13.01 -11.49 8.71
H59 FAW N . -12.77 -13.05 8.67
H60 FAW N . -11.91 -12.14 9.64
#